data_1OG6
#
_entry.id   1OG6
#
_cell.length_a   174.529
_cell.length_b   174.529
_cell.length_c   97.923
_cell.angle_alpha   90.00
_cell.angle_beta   90.00
_cell.angle_gamma   120.00
#
_symmetry.space_group_name_H-M   'H 3'
#
loop_
_entity.id
_entity.type
_entity.pdbx_description
1 polymer 'HYPOTHETICAL OXIDOREDUCTASE YDHF'
2 non-polymer 'NADP NICOTINAMIDE-ADENINE-DINUCLEOTIDE PHOSPHATE'
3 water water
#
_entity_poly.entity_id   1
_entity_poly.type   'polypeptide(L)'
_entity_poly.pdbx_seq_one_letter_code
;LVQRITIAPQGPEFSRFVMGYWRLMDWNMSARQLVSFIEEHLDLGVTTVDHADIYGGYQCEAAFGEALKLAPHLRERMEI
VSKCGIATTAREENVIGHYITDRDHIIKSAEQSLINLATDHLDLLLIHRPDPLMDADEVADAFKHLHQSGKVRHFGVSNF
TPAQFALLQSRLPFTLATNQVEISPVHQPLLLDGTLDQLQQLRVRPMAWSCLGGGRLFNDDYFQPLRDELAVVAEELNAG
SIEQVVNAWVLRLPSQPLPIIGSGKIERVRAAVEAETLKMTRQQWFRIRKAALGYDVP
;
_entity_poly.pdbx_strand_id   A,B,C
#
loop_
_chem_comp.id
_chem_comp.type
_chem_comp.name
_chem_comp.formula
NAP non-polymer 'NADP NICOTINAMIDE-ADENINE-DINUCLEOTIDE PHOSPHATE' 'C21 H28 N7 O17 P3'
#
# COMPACT_ATOMS: atom_id res chain seq x y z
N LEU A 1 -9.78 33.74 19.86
CA LEU A 1 -10.31 33.25 18.54
C LEU A 1 -9.68 31.92 18.18
N VAL A 2 -10.27 31.22 17.21
CA VAL A 2 -9.77 29.91 16.78
C VAL A 2 -8.25 29.96 16.54
N GLN A 3 -7.56 28.94 17.05
CA GLN A 3 -6.10 28.86 16.93
C GLN A 3 -5.60 28.81 15.51
N ARG A 4 -4.35 29.21 15.33
CA ARG A 4 -3.69 29.24 14.03
C ARG A 4 -2.73 28.08 13.86
N ILE A 5 -2.75 27.45 12.68
CA ILE A 5 -1.88 26.31 12.43
C ILE A 5 -1.23 26.39 11.04
N THR A 6 0.06 26.06 10.95
CA THR A 6 0.76 26.05 9.67
C THR A 6 0.64 24.66 9.08
N ILE A 7 -0.18 24.50 8.04
CA ILE A 7 -0.43 23.20 7.45
C ILE A 7 0.71 22.38 6.83
N ALA A 8 1.87 22.94 6.62
CA ALA A 8 2.94 22.14 6.04
C ALA A 8 4.30 22.78 6.32
N PRO A 9 5.39 22.02 6.10
CA PRO A 9 6.75 22.52 6.34
C PRO A 9 6.95 23.99 5.95
N GLN A 10 6.89 24.28 4.65
CA GLN A 10 7.02 25.66 4.18
C GLN A 10 5.69 26.04 3.55
N GLY A 11 4.61 25.64 4.21
CA GLY A 11 3.28 25.93 3.72
C GLY A 11 2.69 27.15 4.38
N PRO A 12 1.42 27.45 4.07
CA PRO A 12 0.66 28.59 4.60
C PRO A 12 0.24 28.36 6.03
N GLU A 13 -0.44 29.35 6.59
CA GLU A 13 -0.92 29.27 7.97
C GLU A 13 -2.41 29.54 7.94
N PHE A 14 -3.20 28.51 8.17
CA PHE A 14 -4.65 28.62 8.16
C PHE A 14 -5.15 28.73 9.59
N SER A 15 -6.46 28.53 9.76
CA SER A 15 -7.09 28.57 11.08
C SER A 15 -7.68 27.17 11.28
N ARG A 16 -7.23 26.48 12.33
CA ARG A 16 -7.69 25.13 12.64
C ARG A 16 -9.08 24.76 12.09
N PHE A 17 -10.04 25.70 12.11
CA PHE A 17 -11.38 25.44 11.56
C PHE A 17 -11.57 26.27 10.28
N VAL A 18 -11.77 25.61 9.15
CA VAL A 18 -11.95 26.31 7.88
C VAL A 18 -13.45 26.38 7.56
N MET A 19 -13.85 27.33 6.71
CA MET A 19 -15.26 27.49 6.32
C MET A 19 -15.49 26.95 4.91
N GLY A 20 -16.38 25.99 4.77
CA GLY A 20 -16.63 25.39 3.47
C GLY A 20 -17.90 25.79 2.76
N TYR A 21 -17.75 26.31 1.53
CA TYR A 21 -18.90 26.78 0.78
C TYR A 21 -19.40 25.86 -0.34
N TRP A 22 -19.56 24.59 -0.01
CA TRP A 22 -20.04 23.60 -0.97
C TRP A 22 -21.56 23.74 -1.17
N ARG A 23 -22.27 24.07 -0.10
CA ARG A 23 -23.72 24.20 -0.15
C ARG A 23 -24.18 25.64 -0.20
N LEU A 24 -23.24 26.56 -0.45
CA LEU A 24 -23.55 27.98 -0.52
C LEU A 24 -24.89 28.31 -1.16
N MET A 25 -25.12 27.73 -2.34
CA MET A 25 -26.36 27.95 -3.10
C MET A 25 -27.60 27.46 -2.35
N ASP A 26 -27.41 26.49 -1.46
CA ASP A 26 -28.51 25.93 -0.67
C ASP A 26 -28.91 26.84 0.47
N TRP A 27 -28.05 27.79 0.80
CA TRP A 27 -28.32 28.72 1.88
C TRP A 27 -29.26 29.85 1.43
N ASN A 28 -29.58 29.89 0.15
CA ASN A 28 -30.46 30.93 -0.41
C ASN A 28 -30.05 32.28 0.16
N MET A 29 -28.75 32.52 0.17
CA MET A 29 -28.19 33.75 0.71
C MET A 29 -27.98 34.80 -0.38
N SER A 30 -28.12 36.06 0.00
CA SER A 30 -27.96 37.16 -0.93
C SER A 30 -26.66 37.91 -0.65
N ALA A 31 -26.06 38.46 -1.71
CA ALA A 31 -24.79 39.16 -1.60
C ALA A 31 -24.60 40.02 -0.35
N ARG A 32 -25.67 40.67 0.11
CA ARG A 32 -25.57 41.50 1.31
C ARG A 32 -25.49 40.63 2.56
N GLN A 33 -26.28 39.57 2.56
CA GLN A 33 -26.32 38.64 3.69
C GLN A 33 -24.99 37.90 3.75
N LEU A 34 -24.64 37.22 2.66
CA LEU A 34 -23.40 36.47 2.60
C LEU A 34 -22.25 37.27 3.15
N VAL A 35 -22.18 38.55 2.83
CA VAL A 35 -21.09 39.37 3.32
C VAL A 35 -21.14 39.51 4.83
N SER A 36 -22.35 39.40 5.38
CA SER A 36 -22.55 39.49 6.82
C SER A 36 -22.10 38.18 7.47
N PHE A 37 -22.37 37.07 6.77
CA PHE A 37 -21.99 35.74 7.21
C PHE A 37 -20.47 35.69 7.21
N ILE A 38 -19.89 35.92 6.04
CA ILE A 38 -18.43 35.92 5.90
C ILE A 38 -17.92 36.84 6.99
N GLU A 39 -18.52 38.02 7.07
CA GLU A 39 -18.14 39.01 8.05
C GLU A 39 -18.02 38.39 9.44
N GLU A 40 -19.09 37.74 9.87
CA GLU A 40 -19.13 37.12 11.19
C GLU A 40 -18.17 35.96 11.42
N HIS A 41 -18.10 35.02 10.49
CA HIS A 41 -17.22 33.88 10.73
C HIS A 41 -15.74 34.23 10.89
N LEU A 42 -15.21 35.16 10.10
CA LEU A 42 -13.81 35.49 10.29
C LEU A 42 -13.60 36.30 11.56
N ASP A 43 -14.69 36.63 12.24
CA ASP A 43 -14.59 37.40 13.48
C ASP A 43 -14.48 36.44 14.66
N LEU A 44 -14.62 35.15 14.36
CA LEU A 44 -14.50 34.11 15.37
C LEU A 44 -13.08 33.59 15.22
N GLY A 45 -12.59 33.69 13.98
CA GLY A 45 -11.25 33.22 13.68
C GLY A 45 -11.24 32.33 12.46
N VAL A 46 -12.41 31.84 12.06
CA VAL A 46 -12.49 31.00 10.88
C VAL A 46 -12.16 31.91 9.70
N THR A 47 -10.87 32.02 9.41
CA THR A 47 -10.41 32.88 8.32
C THR A 47 -10.26 32.16 7.00
N THR A 48 -9.88 30.90 7.05
CA THR A 48 -9.70 30.12 5.84
C THR A 48 -11.04 29.68 5.25
N VAL A 49 -11.15 29.71 3.93
CA VAL A 49 -12.37 29.30 3.27
C VAL A 49 -12.07 28.23 2.22
N ASP A 50 -13.00 27.29 2.06
CA ASP A 50 -12.84 26.20 1.12
C ASP A 50 -13.86 26.29 -0.01
N HIS A 51 -13.38 26.36 -1.23
CA HIS A 51 -14.21 26.45 -2.42
C HIS A 51 -13.82 25.38 -3.42
N ALA A 52 -14.32 25.50 -4.64
CA ALA A 52 -13.98 24.53 -5.65
C ALA A 52 -14.66 24.71 -6.98
N ASP A 53 -13.89 24.39 -8.01
CA ASP A 53 -14.28 24.40 -9.41
C ASP A 53 -15.80 24.21 -9.58
N ILE A 54 -16.20 22.95 -9.51
CA ILE A 54 -17.57 22.48 -9.66
C ILE A 54 -18.66 22.90 -8.66
N TYR A 55 -18.32 23.03 -7.38
CA TYR A 55 -19.32 23.38 -6.35
C TYR A 55 -20.47 24.28 -6.82
N GLY A 56 -21.69 23.87 -6.50
CA GLY A 56 -22.88 24.61 -6.86
C GLY A 56 -23.11 24.78 -8.35
N GLY A 57 -22.87 23.73 -9.13
CA GLY A 57 -23.06 23.82 -10.57
C GLY A 57 -22.15 24.90 -11.15
N TYR A 58 -21.01 25.10 -10.50
CA TYR A 58 -20.00 26.09 -10.90
C TYR A 58 -20.42 27.52 -10.52
N GLN A 59 -21.40 27.62 -9.63
CA GLN A 59 -21.89 28.92 -9.20
C GLN A 59 -21.30 29.49 -7.91
N CYS A 60 -21.03 28.62 -6.95
CA CYS A 60 -20.49 29.02 -5.65
C CYS A 60 -19.32 30.00 -5.63
N GLU A 61 -18.28 29.76 -6.42
CA GLU A 61 -17.15 30.66 -6.44
C GLU A 61 -17.61 32.06 -6.79
N ALA A 62 -18.36 32.16 -7.89
CA ALA A 62 -18.89 33.42 -8.40
C ALA A 62 -19.76 34.16 -7.39
N ALA A 63 -20.58 33.42 -6.66
CA ALA A 63 -21.44 34.02 -5.65
C ALA A 63 -20.56 34.62 -4.56
N PHE A 64 -19.46 33.95 -4.24
CA PHE A 64 -18.56 34.43 -3.22
C PHE A 64 -17.80 35.61 -3.82
N GLY A 65 -17.88 35.74 -5.14
CA GLY A 65 -17.19 36.84 -5.81
C GLY A 65 -17.95 38.14 -5.57
N GLU A 66 -19.28 38.04 -5.48
CA GLU A 66 -20.14 39.20 -5.24
C GLU A 66 -20.04 39.65 -3.80
N ALA A 67 -19.87 38.70 -2.89
CA ALA A 67 -19.73 39.01 -1.47
C ALA A 67 -18.42 39.72 -1.21
N LEU A 68 -17.42 39.35 -1.99
CA LEU A 68 -16.11 39.96 -1.86
C LEU A 68 -16.11 41.28 -2.61
N LYS A 69 -16.95 41.40 -3.64
CA LYS A 69 -17.02 42.64 -4.42
C LYS A 69 -17.55 43.84 -3.63
N LEU A 70 -18.77 43.72 -3.10
CA LEU A 70 -19.36 44.82 -2.36
C LEU A 70 -18.76 44.98 -0.97
N ALA A 71 -17.55 44.46 -0.81
CA ALA A 71 -16.83 44.55 0.47
C ALA A 71 -15.50 43.87 0.24
N PRO A 72 -14.61 44.50 -0.56
CA PRO A 72 -13.29 43.95 -0.87
C PRO A 72 -12.20 44.20 0.16
N HIS A 73 -12.60 44.65 1.35
CA HIS A 73 -11.64 44.89 2.42
C HIS A 73 -11.61 43.65 3.33
N LEU A 74 -12.04 42.52 2.78
CA LEU A 74 -12.08 41.27 3.53
C LEU A 74 -11.03 40.30 3.02
N ARG A 75 -10.88 40.22 1.71
CA ARG A 75 -9.93 39.30 1.11
C ARG A 75 -8.57 39.22 1.81
N GLU A 76 -8.06 40.34 2.29
CA GLU A 76 -6.77 40.33 2.97
C GLU A 76 -6.89 39.85 4.41
N ARG A 77 -8.03 39.29 4.76
CA ARG A 77 -8.27 38.77 6.09
C ARG A 77 -8.67 37.30 6.06
N MET A 78 -8.58 36.68 4.88
CA MET A 78 -8.94 35.28 4.73
C MET A 78 -7.94 34.55 3.84
N GLU A 79 -7.98 33.22 3.87
CA GLU A 79 -7.12 32.40 3.03
C GLU A 79 -8.07 31.59 2.17
N ILE A 80 -7.98 31.78 0.87
CA ILE A 80 -8.87 31.10 -0.05
C ILE A 80 -8.27 29.79 -0.55
N VAL A 81 -9.07 28.74 -0.52
CA VAL A 81 -8.67 27.43 -1.00
C VAL A 81 -9.66 27.06 -2.07
N SER A 82 -9.17 26.62 -3.21
CA SER A 82 -10.08 26.21 -4.27
C SER A 82 -9.49 25.00 -4.95
N LYS A 83 -10.28 24.32 -5.76
CA LYS A 83 -9.83 23.10 -6.44
C LYS A 83 -10.23 23.04 -7.90
N CYS A 84 -9.72 22.02 -8.59
CA CYS A 84 -10.02 21.79 -9.99
C CYS A 84 -9.62 20.35 -10.27
N GLY A 85 -10.01 19.84 -11.43
CA GLY A 85 -9.69 18.47 -11.78
C GLY A 85 -10.88 17.59 -12.13
N ILE A 86 -12.05 17.94 -11.58
CA ILE A 86 -13.26 17.17 -11.87
C ILE A 86 -14.12 17.84 -12.95
N ALA A 87 -14.84 17.01 -13.71
CA ALA A 87 -15.70 17.52 -14.77
C ALA A 87 -17.07 16.86 -14.60
N THR A 88 -18.04 17.62 -14.11
CA THR A 88 -19.38 17.09 -13.88
C THR A 88 -20.33 17.22 -15.06
N THR A 89 -21.48 16.58 -14.95
CA THR A 89 -22.50 16.63 -16.00
C THR A 89 -23.26 17.95 -15.86
N ALA A 90 -22.97 18.68 -14.78
CA ALA A 90 -23.59 19.97 -14.47
C ALA A 90 -23.39 20.91 -15.64
N ARG A 91 -22.40 20.59 -16.47
CA ARG A 91 -22.10 21.36 -17.68
C ARG A 91 -22.57 20.55 -18.87
N GLU A 92 -22.68 21.20 -20.02
CA GLU A 92 -23.15 20.52 -21.23
C GLU A 92 -22.06 19.86 -22.07
N GLU A 93 -20.82 20.32 -21.92
CA GLU A 93 -19.72 19.76 -22.69
C GLU A 93 -19.43 18.33 -22.24
N ASN A 94 -19.87 18.01 -21.03
CA ASN A 94 -19.66 16.70 -20.44
C ASN A 94 -20.84 15.73 -20.54
N VAL A 95 -20.65 14.67 -21.32
CA VAL A 95 -21.64 13.62 -21.52
C VAL A 95 -21.57 12.64 -20.38
N ILE A 96 -20.45 12.64 -19.68
CA ILE A 96 -20.23 11.74 -18.57
C ILE A 96 -19.45 12.47 -17.50
N GLY A 97 -19.40 11.92 -16.30
CA GLY A 97 -18.64 12.54 -15.23
C GLY A 97 -17.24 11.99 -15.31
N HIS A 98 -16.23 12.85 -15.31
CA HIS A 98 -14.87 12.36 -15.39
C HIS A 98 -13.90 13.33 -14.73
N TYR A 99 -12.62 13.17 -15.02
CA TYR A 99 -11.60 14.02 -14.46
C TYR A 99 -10.79 14.62 -15.59
N ILE A 100 -10.35 15.86 -15.41
CA ILE A 100 -9.53 16.53 -16.41
C ILE A 100 -8.33 17.15 -15.69
N THR A 101 -7.15 16.58 -15.90
CA THR A 101 -5.95 17.09 -15.24
C THR A 101 -4.82 17.49 -16.19
N ASP A 102 -5.21 18.04 -17.34
CA ASP A 102 -4.25 18.51 -18.34
C ASP A 102 -3.63 19.78 -17.78
N ARG A 103 -2.50 20.18 -18.33
CA ARG A 103 -1.84 21.39 -17.87
C ARG A 103 -2.70 22.60 -18.17
N ASP A 104 -3.03 22.76 -19.45
CA ASP A 104 -3.84 23.87 -19.91
C ASP A 104 -5.17 24.01 -19.17
N HIS A 105 -5.73 22.89 -18.73
CA HIS A 105 -6.99 22.95 -18.01
C HIS A 105 -6.83 23.49 -16.61
N ILE A 106 -5.80 23.04 -15.92
CA ILE A 106 -5.58 23.49 -14.56
C ILE A 106 -5.26 24.99 -14.55
N ILE A 107 -4.45 25.44 -15.50
CA ILE A 107 -4.13 26.86 -15.58
C ILE A 107 -5.40 27.62 -15.91
N LYS A 108 -6.19 27.10 -16.84
CA LYS A 108 -7.43 27.74 -17.25
C LYS A 108 -8.43 27.89 -16.12
N SER A 109 -8.57 26.86 -15.29
CA SER A 109 -9.53 26.91 -14.19
C SER A 109 -9.04 27.60 -12.92
N ALA A 110 -7.75 27.92 -12.86
CA ALA A 110 -7.20 28.62 -11.70
C ALA A 110 -7.51 30.08 -11.96
N GLU A 111 -7.17 30.53 -13.16
CA GLU A 111 -7.41 31.91 -13.58
C GLU A 111 -8.88 32.19 -13.54
N GLN A 112 -9.68 31.15 -13.77
CA GLN A 112 -11.13 31.25 -13.76
C GLN A 112 -11.65 31.47 -12.35
N SER A 113 -10.97 30.88 -11.37
CA SER A 113 -11.37 31.04 -9.98
C SER A 113 -11.14 32.48 -9.54
N LEU A 114 -9.96 33.02 -9.87
CA LEU A 114 -9.60 34.39 -9.53
C LEU A 114 -10.67 35.35 -10.02
N ILE A 115 -11.17 35.07 -11.22
CA ILE A 115 -12.22 35.89 -11.84
C ILE A 115 -13.58 35.73 -11.14
N ASN A 116 -13.93 34.50 -10.79
CA ASN A 116 -15.20 34.28 -10.11
C ASN A 116 -15.18 34.75 -8.67
N LEU A 117 -14.05 34.54 -7.99
CA LEU A 117 -13.90 34.94 -6.60
C LEU A 117 -13.53 36.43 -6.50
N ALA A 118 -13.16 37.00 -7.64
CA ALA A 118 -12.78 38.39 -7.68
C ALA A 118 -11.59 38.67 -6.79
N THR A 119 -10.46 38.01 -7.07
CA THR A 119 -9.22 38.19 -6.33
C THR A 119 -8.11 38.14 -7.36
N ASP A 120 -6.89 38.45 -6.94
CA ASP A 120 -5.76 38.41 -7.85
C ASP A 120 -4.92 37.17 -7.63
N HIS A 121 -5.22 36.43 -6.56
CA HIS A 121 -4.48 35.21 -6.23
C HIS A 121 -5.22 34.26 -5.27
N LEU A 122 -4.83 32.99 -5.29
CA LEU A 122 -5.40 31.97 -4.42
C LEU A 122 -4.33 31.66 -3.39
N ASP A 123 -4.72 31.18 -2.21
CA ASP A 123 -3.76 30.84 -1.17
C ASP A 123 -3.28 29.40 -1.36
N LEU A 124 -4.18 28.56 -1.83
CA LEU A 124 -3.88 27.15 -2.06
C LEU A 124 -4.77 26.65 -3.19
N LEU A 125 -4.23 25.79 -4.04
CA LEU A 125 -5.01 25.20 -5.13
C LEU A 125 -4.84 23.70 -5.00
N LEU A 126 -5.96 23.00 -4.98
CA LEU A 126 -5.95 21.55 -4.83
C LEU A 126 -6.44 20.87 -6.09
N ILE A 127 -5.87 19.71 -6.43
CA ILE A 127 -6.42 19.03 -7.57
C ILE A 127 -7.42 18.07 -6.92
N HIS A 128 -8.68 18.44 -7.06
CA HIS A 128 -9.84 17.75 -6.49
C HIS A 128 -9.77 16.24 -6.20
N ARG A 129 -9.74 15.42 -7.23
CA ARG A 129 -9.68 13.98 -7.01
C ARG A 129 -8.60 13.36 -7.85
N PRO A 130 -8.09 12.19 -7.43
CA PRO A 130 -7.04 11.45 -8.13
C PRO A 130 -7.59 10.93 -9.45
N ASP A 131 -6.80 11.08 -10.50
CA ASP A 131 -7.19 10.72 -11.85
C ASP A 131 -6.32 9.61 -12.43
N PRO A 132 -6.93 8.61 -13.10
CA PRO A 132 -6.19 7.48 -13.72
C PRO A 132 -5.30 7.95 -14.86
N LEU A 133 -5.69 9.07 -15.46
CA LEU A 133 -4.98 9.68 -16.58
C LEU A 133 -4.11 10.85 -16.15
N MET A 134 -3.96 11.05 -14.85
CA MET A 134 -3.15 12.15 -14.37
C MET A 134 -1.70 11.94 -14.69
N ASP A 135 -1.10 12.96 -15.30
CA ASP A 135 0.30 12.93 -15.67
C ASP A 135 1.01 13.96 -14.80
N ALA A 136 1.74 13.50 -13.79
CA ALA A 136 2.44 14.39 -12.87
C ALA A 136 3.25 15.50 -13.53
N ASP A 137 3.99 15.21 -14.60
CA ASP A 137 4.76 16.25 -15.25
C ASP A 137 3.86 17.41 -15.68
N GLU A 138 2.70 17.08 -16.26
CA GLU A 138 1.71 18.06 -16.74
C GLU A 138 1.09 18.88 -15.61
N VAL A 139 0.85 18.25 -14.47
CA VAL A 139 0.30 18.96 -13.34
C VAL A 139 1.39 19.79 -12.71
N ALA A 140 2.54 19.19 -12.44
CA ALA A 140 3.63 19.92 -11.82
C ALA A 140 3.97 21.13 -12.67
N ASP A 141 3.79 20.99 -13.97
CA ASP A 141 4.08 22.06 -14.93
C ASP A 141 3.07 23.21 -14.83
N ALA A 142 1.80 22.88 -14.60
CA ALA A 142 0.76 23.89 -14.48
C ALA A 142 0.88 24.58 -13.14
N PHE A 143 1.48 23.91 -12.18
CA PHE A 143 1.65 24.47 -10.85
C PHE A 143 2.79 25.48 -10.82
N LYS A 144 3.94 25.15 -11.41
CA LYS A 144 5.06 26.09 -11.44
C LYS A 144 4.57 27.37 -12.06
N HIS A 145 4.04 27.29 -13.28
CA HIS A 145 3.51 28.44 -13.98
C HIS A 145 2.62 29.31 -13.07
N LEU A 146 1.55 28.72 -12.57
CA LEU A 146 0.64 29.45 -11.69
C LEU A 146 1.36 30.00 -10.47
N HIS A 147 2.48 29.38 -10.10
CA HIS A 147 3.21 29.84 -8.93
C HIS A 147 4.08 31.04 -9.27
N GLN A 148 4.81 30.96 -10.37
CA GLN A 148 5.68 32.05 -10.80
C GLN A 148 4.92 33.32 -11.16
N SER A 149 3.66 33.18 -11.55
CA SER A 149 2.86 34.34 -11.93
C SER A 149 2.14 34.92 -10.72
N GLY A 150 2.44 34.39 -9.54
CA GLY A 150 1.81 34.88 -8.33
C GLY A 150 0.30 34.67 -8.20
N LYS A 151 -0.29 33.84 -9.05
CA LYS A 151 -1.72 33.59 -8.98
C LYS A 151 -2.07 32.60 -7.87
N VAL A 152 -1.19 31.64 -7.61
CA VAL A 152 -1.42 30.63 -6.55
C VAL A 152 -0.24 30.54 -5.58
N ARG A 153 -0.52 30.67 -4.29
CA ARG A 153 0.52 30.61 -3.27
C ARG A 153 1.00 29.20 -2.99
N HIS A 154 0.07 28.30 -2.66
CA HIS A 154 0.43 26.94 -2.34
C HIS A 154 -0.38 25.89 -3.07
N PHE A 155 0.18 24.68 -3.14
CA PHE A 155 -0.48 23.58 -3.83
C PHE A 155 -0.66 22.32 -2.98
N GLY A 156 -1.82 21.68 -3.13
CA GLY A 156 -2.10 20.47 -2.38
C GLY A 156 -2.86 19.48 -3.25
N VAL A 157 -3.39 18.42 -2.65
CA VAL A 157 -4.15 17.44 -3.40
C VAL A 157 -5.36 17.07 -2.57
N SER A 158 -6.30 16.33 -3.13
CA SER A 158 -7.47 15.96 -2.36
C SER A 158 -7.92 14.53 -2.67
N ASN A 159 -8.21 13.77 -1.61
CA ASN A 159 -8.64 12.40 -1.74
C ASN A 159 -7.59 11.54 -2.45
N PHE A 160 -6.32 11.85 -2.19
CA PHE A 160 -5.22 11.10 -2.81
C PHE A 160 -4.75 9.94 -1.96
N THR A 161 -4.19 8.94 -2.63
CA THR A 161 -3.63 7.74 -2.01
C THR A 161 -2.21 8.08 -1.62
N PRO A 162 -1.60 7.34 -0.69
CA PRO A 162 -0.22 7.73 -0.40
C PRO A 162 0.71 7.52 -1.61
N ALA A 163 0.25 6.78 -2.60
CA ALA A 163 1.05 6.52 -3.80
C ALA A 163 0.79 7.58 -4.86
N GLN A 164 -0.43 8.10 -4.91
CA GLN A 164 -0.77 9.13 -5.87
C GLN A 164 -0.24 10.45 -5.34
N PHE A 165 -0.20 10.59 -4.03
CA PHE A 165 0.33 11.79 -3.40
C PHE A 165 1.84 11.77 -3.63
N ALA A 166 2.44 10.61 -3.37
CA ALA A 166 3.88 10.44 -3.55
C ALA A 166 4.32 10.61 -5.00
N LEU A 167 3.46 10.23 -5.94
CA LEU A 167 3.77 10.37 -7.36
C LEU A 167 3.87 11.84 -7.76
N LEU A 168 2.82 12.59 -7.45
CA LEU A 168 2.76 14.01 -7.78
C LEU A 168 3.85 14.81 -7.09
N GLN A 169 4.15 14.47 -5.85
CA GLN A 169 5.18 15.17 -5.09
C GLN A 169 6.57 15.05 -5.69
N SER A 170 6.82 13.92 -6.36
CA SER A 170 8.12 13.65 -6.98
C SER A 170 8.44 14.62 -8.13
N ARG A 171 7.41 15.29 -8.64
CA ARG A 171 7.57 16.23 -9.73
C ARG A 171 7.50 17.68 -9.26
N LEU A 172 7.25 17.89 -7.97
CA LEU A 172 7.15 19.25 -7.44
C LEU A 172 8.31 19.73 -6.59
N PRO A 173 8.76 20.97 -6.84
CA PRO A 173 9.85 21.58 -6.09
C PRO A 173 9.34 22.16 -4.78
N PHE A 174 8.02 22.17 -4.60
CA PHE A 174 7.44 22.65 -3.35
C PHE A 174 6.51 21.65 -2.66
N THR A 175 6.68 21.56 -1.35
CA THR A 175 5.92 20.67 -0.47
C THR A 175 4.40 20.83 -0.58
N LEU A 176 3.70 19.75 -0.97
CA LEU A 176 2.25 19.79 -1.07
C LEU A 176 1.74 20.13 0.33
N ALA A 177 0.95 21.18 0.42
CA ALA A 177 0.42 21.69 1.67
C ALA A 177 -0.65 20.87 2.39
N THR A 178 -1.26 19.92 1.72
CA THR A 178 -2.31 19.12 2.37
C THR A 178 -2.86 18.04 1.46
N ASN A 179 -3.74 17.22 2.03
CA ASN A 179 -4.43 16.16 1.32
C ASN A 179 -5.80 16.16 1.95
N GLN A 180 -6.63 17.08 1.46
CA GLN A 180 -8.00 17.25 1.92
C GLN A 180 -8.74 15.95 1.72
N VAL A 181 -8.98 15.24 2.81
CA VAL A 181 -9.67 13.96 2.78
C VAL A 181 -10.85 13.94 3.74
N GLU A 182 -11.71 12.93 3.62
CA GLU A 182 -12.88 12.85 4.49
C GLU A 182 -12.54 12.14 5.81
N ILE A 183 -12.80 12.81 6.92
CA ILE A 183 -12.52 12.22 8.23
C ILE A 183 -13.68 12.52 9.17
N SER A 184 -14.31 11.47 9.68
CA SER A 184 -15.42 11.60 10.61
C SER A 184 -15.60 10.27 11.33
N PRO A 185 -16.33 10.27 12.46
CA PRO A 185 -16.54 9.03 13.20
C PRO A 185 -17.33 8.03 12.35
N VAL A 186 -17.97 8.52 11.28
CA VAL A 186 -18.76 7.66 10.39
C VAL A 186 -17.98 7.25 9.12
N HIS A 187 -16.75 7.74 8.98
CA HIS A 187 -15.89 7.42 7.84
C HIS A 187 -14.43 7.30 8.29
N GLN A 188 -14.01 6.09 8.65
CA GLN A 188 -12.66 5.87 9.16
C GLN A 188 -11.58 5.14 8.32
N PRO A 189 -11.92 4.65 7.10
CA PRO A 189 -10.88 3.94 6.35
C PRO A 189 -9.48 4.57 6.32
N LEU A 190 -9.42 5.89 6.49
CA LEU A 190 -8.16 6.63 6.44
C LEU A 190 -7.34 6.58 7.72
N LEU A 191 -7.99 6.27 8.83
CA LEU A 191 -7.26 6.21 10.09
C LEU A 191 -6.35 4.98 10.11
N LEU A 192 -6.64 4.04 9.22
CA LEU A 192 -5.90 2.79 9.17
C LEU A 192 -5.41 2.33 7.81
N ASP A 193 -5.84 2.97 6.72
CA ASP A 193 -5.37 2.54 5.41
C ASP A 193 -4.00 3.15 5.06
N GLY A 194 -3.45 3.88 6.01
CA GLY A 194 -2.14 4.49 5.81
C GLY A 194 -2.14 5.87 5.22
N THR A 195 -3.31 6.47 5.01
CA THR A 195 -3.33 7.80 4.44
C THR A 195 -2.87 8.82 5.45
N LEU A 196 -3.42 8.76 6.64
CA LEU A 196 -3.05 9.72 7.68
C LEU A 196 -1.69 9.41 8.30
N ASP A 197 -1.15 8.22 8.05
CA ASP A 197 0.16 7.85 8.58
C ASP A 197 1.23 8.58 7.77
N GLN A 198 0.96 8.75 6.49
CA GLN A 198 1.86 9.45 5.61
C GLN A 198 1.88 10.90 6.02
N LEU A 199 0.70 11.51 6.05
CA LEU A 199 0.59 12.91 6.43
C LEU A 199 1.25 13.25 7.76
N GLN A 200 1.06 12.41 8.78
CA GLN A 200 1.71 12.70 10.05
C GLN A 200 3.21 12.59 9.85
N GLN A 201 3.63 11.61 9.07
CA GLN A 201 5.05 11.40 8.82
C GLN A 201 5.70 12.57 8.12
N LEU A 202 4.97 13.20 7.21
CA LEU A 202 5.51 14.32 6.44
C LEU A 202 5.19 15.66 7.10
N ARG A 203 4.44 15.63 8.20
CA ARG A 203 4.08 16.83 8.92
C ARG A 203 3.18 17.73 8.10
N VAL A 204 2.36 17.11 7.26
CA VAL A 204 1.41 17.80 6.39
C VAL A 204 0.00 17.61 6.99
N ARG A 205 -0.59 18.70 7.49
CA ARG A 205 -1.93 18.66 8.09
C ARG A 205 -3.05 18.54 7.07
N PRO A 206 -3.90 17.53 7.21
CA PRO A 206 -5.02 17.33 6.29
C PRO A 206 -6.26 18.11 6.61
N MET A 207 -6.91 18.65 5.57
CA MET A 207 -8.19 19.37 5.75
C MET A 207 -9.25 18.27 5.73
N ALA A 208 -10.12 18.25 6.72
CA ALA A 208 -11.13 17.21 6.80
C ALA A 208 -12.52 17.59 6.32
N TRP A 209 -13.02 16.93 5.27
CA TRP A 209 -14.37 17.25 4.81
C TRP A 209 -15.42 16.33 5.39
N SER A 210 -16.67 16.79 5.32
CA SER A 210 -17.82 16.06 5.85
C SER A 210 -17.52 15.36 7.16
N CYS A 211 -17.27 16.15 8.22
CA CYS A 211 -16.99 15.61 9.54
C CYS A 211 -18.27 15.09 10.17
N LEU A 212 -19.39 15.71 9.80
CA LEU A 212 -20.68 15.30 10.32
C LEU A 212 -21.35 14.41 9.30
N GLY A 213 -20.55 13.87 8.38
CA GLY A 213 -21.05 12.98 7.34
C GLY A 213 -22.14 13.61 6.49
N GLY A 214 -21.91 14.84 6.05
CA GLY A 214 -22.91 15.52 5.25
C GLY A 214 -24.14 15.83 6.08
N GLY A 215 -24.10 15.43 7.36
CA GLY A 215 -25.23 15.69 8.23
C GLY A 215 -26.10 14.49 8.52
N ARG A 216 -25.78 13.35 7.93
CA ARG A 216 -26.58 12.15 8.15
C ARG A 216 -26.24 11.51 9.48
N LEU A 217 -25.41 12.18 10.25
CA LEU A 217 -25.04 11.66 11.56
C LEU A 217 -26.26 11.87 12.45
N PHE A 218 -26.96 12.98 12.24
CA PHE A 218 -28.14 13.34 13.04
C PHE A 218 -29.42 12.82 12.43
N ASN A 219 -29.39 12.41 11.17
CA ASN A 219 -30.59 11.93 10.49
C ASN A 219 -30.70 10.42 10.43
N ASP A 220 -29.79 9.79 9.70
CA ASP A 220 -29.80 8.35 9.54
C ASP A 220 -30.14 7.53 10.79
N ASP A 221 -31.05 6.59 10.58
CA ASP A 221 -31.51 5.67 11.60
C ASP A 221 -30.27 4.92 12.10
N TYR A 222 -29.49 4.45 11.13
CA TYR A 222 -28.27 3.67 11.32
C TYR A 222 -27.29 4.15 12.41
N PHE A 223 -27.33 5.42 12.78
CA PHE A 223 -26.40 5.91 13.79
C PHE A 223 -27.00 6.27 15.14
N GLN A 224 -27.89 5.42 15.65
CA GLN A 224 -28.47 5.73 16.95
C GLN A 224 -27.48 5.45 18.07
N PRO A 225 -26.81 4.30 18.03
CA PRO A 225 -25.84 3.99 19.09
C PRO A 225 -24.77 5.08 19.21
N LEU A 226 -24.30 5.57 18.07
CA LEU A 226 -23.27 6.60 18.03
C LEU A 226 -23.74 7.92 18.60
N ARG A 227 -24.99 8.28 18.31
CA ARG A 227 -25.53 9.52 18.81
C ARG A 227 -25.73 9.42 20.32
N ASP A 228 -26.13 8.24 20.77
CA ASP A 228 -26.34 8.03 22.20
C ASP A 228 -25.01 8.16 22.91
N GLU A 229 -23.92 7.81 22.24
CA GLU A 229 -22.58 7.88 22.82
C GLU A 229 -22.04 9.30 22.83
N LEU A 230 -22.18 9.99 21.70
CA LEU A 230 -21.72 11.37 21.59
C LEU A 230 -22.45 12.18 22.65
N ALA A 231 -23.59 11.66 23.06
CA ALA A 231 -24.42 12.32 24.06
C ALA A 231 -23.89 12.05 25.47
N VAL A 232 -23.38 10.85 25.69
CA VAL A 232 -22.86 10.50 27.00
C VAL A 232 -21.50 11.16 27.22
N VAL A 233 -20.67 11.17 26.18
CA VAL A 233 -19.35 11.79 26.26
C VAL A 233 -19.52 13.30 26.30
N ALA A 234 -20.70 13.77 25.89
CA ALA A 234 -21.00 15.21 25.88
C ALA A 234 -21.10 15.68 27.32
N GLU A 235 -22.06 15.16 28.06
CA GLU A 235 -22.20 15.56 29.47
C GLU A 235 -20.85 15.35 30.15
N GLU A 236 -20.25 14.19 29.93
CA GLU A 236 -18.95 13.90 30.52
C GLU A 236 -17.99 15.06 30.33
N LEU A 237 -17.94 15.58 29.11
CA LEU A 237 -17.05 16.69 28.76
C LEU A 237 -17.68 18.05 29.00
N ASN A 238 -18.98 18.06 29.27
CA ASN A 238 -19.66 19.32 29.49
C ASN A 238 -19.66 20.06 28.15
N ALA A 239 -19.83 19.29 27.07
CA ALA A 239 -19.84 19.82 25.71
C ALA A 239 -21.19 20.44 25.39
N GLY A 240 -21.18 21.43 24.50
CA GLY A 240 -22.41 22.09 24.14
C GLY A 240 -23.39 21.21 23.40
N SER A 241 -22.91 20.56 22.36
CA SER A 241 -23.73 19.69 21.52
C SER A 241 -22.94 18.48 21.05
N ILE A 242 -23.62 17.47 20.52
CA ILE A 242 -22.93 16.29 20.05
C ILE A 242 -22.03 16.63 18.87
N GLU A 243 -22.36 17.68 18.12
CA GLU A 243 -21.52 18.06 17.00
C GLU A 243 -20.15 18.42 17.51
N GLN A 244 -20.10 19.25 18.56
CA GLN A 244 -18.83 19.66 19.14
C GLN A 244 -17.93 18.48 19.50
N VAL A 245 -18.53 17.44 20.06
CA VAL A 245 -17.77 16.24 20.43
C VAL A 245 -17.20 15.60 19.16
N VAL A 246 -18.00 15.59 18.10
CA VAL A 246 -17.58 15.04 16.81
C VAL A 246 -16.39 15.84 16.29
N ASN A 247 -16.40 17.15 16.52
CA ASN A 247 -15.29 17.99 16.10
C ASN A 247 -14.08 17.69 17.00
N ALA A 248 -14.32 17.57 18.30
CA ALA A 248 -13.24 17.27 19.26
C ALA A 248 -12.64 15.90 18.97
N TRP A 249 -13.47 14.96 18.54
CA TRP A 249 -13.03 13.62 18.19
C TRP A 249 -12.03 13.69 17.03
N VAL A 250 -12.29 14.58 16.08
CA VAL A 250 -11.44 14.76 14.91
C VAL A 250 -10.14 15.48 15.25
N LEU A 251 -10.22 16.62 15.92
CA LEU A 251 -9.01 17.37 16.27
C LEU A 251 -8.04 16.46 17.01
N ARG A 252 -8.59 15.61 17.86
CA ARG A 252 -7.80 14.69 18.66
C ARG A 252 -6.78 13.86 17.89
N LEU A 253 -7.08 13.54 16.63
CA LEU A 253 -6.18 12.73 15.80
C LEU A 253 -4.79 13.31 15.76
N PRO A 254 -3.75 12.45 15.70
CA PRO A 254 -2.35 12.87 15.66
C PRO A 254 -1.85 13.57 14.40
N SER A 255 -2.54 13.40 13.28
CA SER A 255 -2.11 14.09 12.06
C SER A 255 -2.59 15.53 12.12
N GLN A 256 -3.23 15.89 13.23
CA GLN A 256 -3.75 17.24 13.46
C GLN A 256 -4.56 17.77 12.30
N PRO A 257 -5.79 17.28 12.15
CA PRO A 257 -6.65 17.76 11.05
C PRO A 257 -7.34 19.12 11.19
N LEU A 258 -7.76 19.69 10.07
CA LEU A 258 -8.45 20.97 10.06
C LEU A 258 -9.91 20.71 9.67
N PRO A 259 -10.82 20.55 10.65
CA PRO A 259 -12.21 20.29 10.26
C PRO A 259 -12.87 21.44 9.51
N ILE A 260 -13.54 21.11 8.39
CA ILE A 260 -14.24 22.10 7.56
C ILE A 260 -15.71 22.20 7.94
N ILE A 261 -16.12 23.38 8.39
CA ILE A 261 -17.50 23.61 8.77
C ILE A 261 -18.34 23.82 7.50
N GLY A 262 -19.47 23.14 7.42
CA GLY A 262 -20.34 23.24 6.26
C GLY A 262 -21.75 23.69 6.60
N SER A 263 -21.92 24.22 7.80
CA SER A 263 -23.22 24.70 8.25
C SER A 263 -23.50 26.10 7.73
N GLY A 264 -24.69 26.29 7.19
CA GLY A 264 -25.08 27.59 6.66
C GLY A 264 -25.68 28.50 7.71
N LYS A 265 -25.61 28.09 8.97
CA LYS A 265 -26.14 28.87 10.08
C LYS A 265 -24.98 29.32 10.95
N ILE A 266 -24.78 30.63 11.01
CA ILE A 266 -23.68 31.22 11.78
C ILE A 266 -23.64 30.82 13.24
N GLU A 267 -24.81 30.53 13.81
CA GLU A 267 -24.88 30.10 15.20
C GLU A 267 -24.21 28.74 15.31
N ARG A 268 -24.47 27.87 14.34
CA ARG A 268 -23.88 26.53 14.32
C ARG A 268 -22.39 26.65 14.04
N VAL A 269 -22.02 27.65 13.26
CA VAL A 269 -20.62 27.89 12.94
C VAL A 269 -19.91 28.44 14.17
N ARG A 270 -20.70 28.91 15.15
CA ARG A 270 -20.15 29.45 16.39
C ARG A 270 -19.94 28.32 17.38
N ALA A 271 -20.97 27.49 17.52
CA ALA A 271 -20.95 26.37 18.45
C ALA A 271 -19.83 25.39 18.11
N ALA A 272 -19.78 24.95 16.86
CA ALA A 272 -18.78 23.99 16.40
C ALA A 272 -17.35 24.40 16.73
N VAL A 273 -17.02 25.68 16.54
CA VAL A 273 -15.68 26.17 16.81
C VAL A 273 -15.31 26.11 18.30
N GLU A 274 -16.31 25.86 19.14
CA GLU A 274 -16.12 25.77 20.58
C GLU A 274 -15.59 24.41 21.02
N ALA A 275 -15.61 23.45 20.10
CA ALA A 275 -15.13 22.11 20.40
C ALA A 275 -13.63 22.14 20.58
N GLU A 276 -13.06 23.32 20.35
CA GLU A 276 -11.63 23.52 20.45
C GLU A 276 -11.10 23.61 21.89
N THR A 277 -12.00 23.59 22.86
CA THR A 277 -11.61 23.68 24.27
C THR A 277 -11.91 22.40 25.04
N LEU A 278 -12.78 21.57 24.49
CA LEU A 278 -13.14 20.31 25.14
C LEU A 278 -11.90 19.42 25.12
N LYS A 279 -11.62 18.74 26.24
CA LYS A 279 -10.45 17.86 26.30
C LYS A 279 -10.83 16.37 26.39
N MET A 280 -10.98 15.75 25.23
CA MET A 280 -11.36 14.35 25.11
C MET A 280 -10.24 13.40 25.49
N THR A 281 -10.57 12.36 26.25
CA THR A 281 -9.58 11.37 26.66
C THR A 281 -9.64 10.15 25.75
N ARG A 282 -8.50 9.50 25.56
CA ARG A 282 -8.43 8.33 24.69
C ARG A 282 -9.64 7.42 24.84
N GLN A 283 -9.86 6.95 26.06
CA GLN A 283 -10.96 6.06 26.32
C GLN A 283 -12.28 6.59 25.78
N GLN A 284 -12.51 7.89 25.83
CA GLN A 284 -13.75 8.44 25.31
C GLN A 284 -13.68 8.38 23.79
N TRP A 285 -12.48 8.58 23.26
CA TRP A 285 -12.24 8.56 21.82
C TRP A 285 -12.51 7.16 21.27
N PHE A 286 -12.04 6.15 21.98
CA PHE A 286 -12.25 4.79 21.54
C PHE A 286 -13.67 4.32 21.78
N ARG A 287 -14.40 5.03 22.64
CA ARG A 287 -15.78 4.68 22.95
C ARG A 287 -16.69 5.26 21.88
N ILE A 288 -16.23 6.33 21.23
CA ILE A 288 -16.98 6.96 20.15
C ILE A 288 -16.67 6.20 18.86
N ARG A 289 -15.49 5.59 18.82
CA ARG A 289 -15.09 4.81 17.67
C ARG A 289 -15.93 3.55 17.64
N LYS A 290 -16.09 2.93 18.80
CA LYS A 290 -16.85 1.71 18.98
C LYS A 290 -18.34 1.89 18.62
N ALA A 291 -18.97 2.93 19.18
CA ALA A 291 -20.38 3.21 18.93
C ALA A 291 -20.64 3.46 17.46
N ALA A 292 -19.58 3.79 16.73
CA ALA A 292 -19.69 4.06 15.31
C ALA A 292 -19.44 2.83 14.43
N LEU A 293 -18.49 1.99 14.84
CA LEU A 293 -18.14 0.79 14.08
C LEU A 293 -18.87 -0.47 14.49
N GLY A 294 -18.94 -0.73 15.79
CA GLY A 294 -19.62 -1.90 16.29
C GLY A 294 -18.70 -2.95 16.86
N TYR A 295 -17.40 -2.69 16.86
CA TYR A 295 -16.44 -3.65 17.39
C TYR A 295 -15.19 -2.97 17.97
N ASP A 296 -14.42 -3.72 18.75
CA ASP A 296 -13.20 -3.21 19.39
C ASP A 296 -11.97 -3.10 18.49
N VAL A 297 -10.78 -3.33 19.01
CA VAL A 297 -9.56 -3.17 18.20
C VAL A 297 -8.58 -4.38 18.00
N PRO A 298 -7.90 -4.43 16.95
N LEU B 1 22.05 -26.93 20.41
CA LEU B 1 21.46 -25.61 20.80
C LEU B 1 20.89 -24.91 19.58
N VAL B 2 19.70 -24.32 19.73
CA VAL B 2 19.04 -23.62 18.63
C VAL B 2 19.92 -22.53 18.04
N GLN B 3 19.70 -22.23 16.77
CA GLN B 3 20.45 -21.23 16.03
C GLN B 3 20.42 -19.85 16.66
N ARG B 4 21.40 -19.03 16.33
CA ARG B 4 21.48 -17.66 16.83
C ARG B 4 21.02 -16.77 15.69
N ILE B 5 20.68 -15.51 15.98
CA ILE B 5 20.23 -14.62 14.91
C ILE B 5 20.09 -13.18 15.35
N THR B 6 20.77 -12.28 14.66
CA THR B 6 20.68 -10.85 14.97
C THR B 6 19.48 -10.36 14.19
N ILE B 7 18.37 -10.16 14.90
CA ILE B 7 17.12 -9.75 14.28
C ILE B 7 17.10 -8.48 13.44
N ALA B 8 18.14 -7.66 13.48
CA ALA B 8 18.14 -6.43 12.69
C ALA B 8 19.47 -5.69 12.66
N PRO B 9 19.62 -4.74 11.71
CA PRO B 9 20.85 -3.97 11.59
C PRO B 9 21.06 -3.20 12.88
N GLN B 10 22.18 -3.49 13.57
CA GLN B 10 22.49 -2.84 14.84
C GLN B 10 21.63 -3.44 15.95
N GLY B 11 20.71 -4.32 15.55
CA GLY B 11 19.81 -4.95 16.51
C GLY B 11 20.45 -6.05 17.34
N PRO B 12 19.69 -6.60 18.29
CA PRO B 12 20.14 -7.67 19.19
C PRO B 12 20.23 -9.03 18.51
N GLU B 13 20.77 -10.01 19.24
CA GLU B 13 20.89 -11.36 18.72
C GLU B 13 20.05 -12.30 19.57
N PHE B 14 18.95 -12.78 19.01
CA PHE B 14 18.07 -13.69 19.73
C PHE B 14 18.31 -15.13 19.30
N SER B 15 17.54 -16.02 19.89
CA SER B 15 17.61 -17.42 19.56
C SER B 15 16.54 -17.66 18.50
N ARG B 16 16.92 -18.32 17.41
CA ARG B 16 16.01 -18.61 16.32
C ARG B 16 14.58 -18.85 16.77
N PHE B 17 14.41 -19.61 17.85
CA PHE B 17 13.07 -19.87 18.39
C PHE B 17 12.86 -19.09 19.69
N VAL B 18 11.65 -18.60 19.89
CA VAL B 18 11.29 -17.82 21.08
C VAL B 18 10.22 -18.51 21.92
N MET B 19 10.21 -18.22 23.22
CA MET B 19 9.23 -18.82 24.13
C MET B 19 8.17 -17.78 24.49
N GLY B 20 6.90 -18.12 24.27
CA GLY B 20 5.83 -17.19 24.56
C GLY B 20 5.10 -17.49 25.86
N TYR B 21 5.02 -16.50 26.74
CA TYR B 21 4.38 -16.66 28.04
C TYR B 21 3.01 -16.06 28.20
N TRP B 22 2.35 -15.82 27.08
CA TRP B 22 1.03 -15.25 27.09
C TRP B 22 0.02 -16.19 27.76
N ARG B 23 0.24 -17.49 27.61
CA ARG B 23 -0.66 -18.48 28.17
C ARG B 23 -0.16 -19.05 29.50
N LEU B 24 0.89 -18.43 30.05
CA LEU B 24 1.48 -18.85 31.32
C LEU B 24 0.47 -19.18 32.41
N MET B 25 -0.54 -18.31 32.54
CA MET B 25 -1.55 -18.49 33.55
C MET B 25 -2.38 -19.74 33.36
N ASP B 26 -2.28 -20.34 32.17
CA ASP B 26 -3.03 -21.55 31.89
C ASP B 26 -2.17 -22.79 32.09
N TRP B 27 -0.88 -22.58 32.32
CA TRP B 27 0.03 -23.69 32.52
C TRP B 27 -0.11 -24.23 33.93
N ASN B 28 -0.82 -23.49 34.78
CA ASN B 28 -1.03 -23.95 36.13
C ASN B 28 0.30 -24.34 36.76
N MET B 29 1.21 -23.39 36.80
CA MET B 29 2.53 -23.62 37.38
C MET B 29 2.67 -22.87 38.68
N SER B 30 3.79 -23.13 39.36
CA SER B 30 4.12 -22.47 40.63
C SER B 30 5.57 -22.07 40.43
N ALA B 31 5.99 -20.96 41.02
CA ALA B 31 7.37 -20.51 40.84
C ALA B 31 8.35 -21.67 40.90
N ARG B 32 8.09 -22.61 41.80
CA ARG B 32 8.94 -23.79 41.97
C ARG B 32 9.05 -24.57 40.66
N GLN B 33 7.90 -24.76 40.01
CA GLN B 33 7.84 -25.48 38.74
C GLN B 33 8.33 -24.62 37.59
N LEU B 34 7.78 -23.41 37.48
CA LEU B 34 8.16 -22.52 36.41
C LEU B 34 9.66 -22.27 36.32
N VAL B 35 10.38 -22.47 37.40
CA VAL B 35 11.83 -22.25 37.38
C VAL B 35 12.52 -23.43 36.72
N SER B 36 11.88 -24.59 36.77
CA SER B 36 12.47 -25.76 36.17
C SER B 36 12.16 -25.76 34.69
N PHE B 37 11.09 -25.04 34.34
CA PHE B 37 10.66 -24.92 32.94
C PHE B 37 11.61 -23.96 32.25
N ILE B 38 11.76 -22.77 32.83
CA ILE B 38 12.66 -21.75 32.30
C ILE B 38 14.05 -22.35 32.14
N GLU B 39 14.48 -23.12 33.13
CA GLU B 39 15.79 -23.76 33.12
C GLU B 39 15.93 -24.74 31.98
N GLU B 40 14.87 -25.48 31.70
CA GLU B 40 14.90 -26.48 30.65
C GLU B 40 14.88 -25.94 29.24
N HIS B 41 13.99 -25.01 28.94
CA HIS B 41 13.97 -24.52 27.59
C HIS B 41 15.21 -23.74 27.21
N LEU B 42 15.79 -22.97 28.13
CA LEU B 42 17.00 -22.26 27.73
C LEU B 42 18.17 -23.23 27.74
N ASP B 43 17.96 -24.38 28.35
CA ASP B 43 18.98 -25.41 28.37
C ASP B 43 18.87 -26.10 27.03
N LEU B 44 17.71 -25.92 26.41
CA LEU B 44 17.39 -26.47 25.10
C LEU B 44 17.86 -25.52 24.00
N GLY B 45 18.23 -24.31 24.41
CA GLY B 45 18.69 -23.32 23.45
C GLY B 45 17.74 -22.15 23.30
N VAL B 46 16.47 -22.34 23.67
CA VAL B 46 15.48 -21.27 23.59
C VAL B 46 15.81 -20.21 24.62
N THR B 47 16.62 -19.21 24.25
CA THR B 47 16.99 -18.16 25.20
C THR B 47 16.20 -16.86 25.11
N THR B 48 15.22 -16.78 24.21
CA THR B 48 14.43 -15.56 24.11
C THR B 48 13.02 -15.75 24.62
N VAL B 49 12.60 -14.89 25.54
CA VAL B 49 11.26 -14.98 26.12
C VAL B 49 10.36 -13.81 25.69
N ASP B 50 9.12 -14.12 25.33
CA ASP B 50 8.19 -13.09 24.91
C ASP B 50 7.09 -12.85 25.93
N HIS B 51 7.07 -11.64 26.45
CA HIS B 51 6.08 -11.22 27.44
C HIS B 51 5.30 -10.04 26.93
N ALA B 52 4.43 -9.52 27.78
CA ALA B 52 3.64 -8.36 27.42
C ALA B 52 2.97 -7.76 28.61
N ASP B 53 2.87 -6.45 28.56
CA ASP B 53 2.24 -5.59 29.53
C ASP B 53 0.98 -6.21 30.17
N ILE B 54 0.05 -6.61 29.31
CA ILE B 54 -1.22 -7.18 29.72
C ILE B 54 -1.31 -8.69 29.96
N TYR B 55 -0.62 -9.51 29.19
CA TYR B 55 -0.69 -10.97 29.32
C TYR B 55 -1.11 -11.50 30.68
N GLY B 56 -2.13 -12.36 30.65
CA GLY B 56 -2.67 -12.98 31.85
C GLY B 56 -3.29 -12.04 32.86
N GLY B 57 -4.21 -11.20 32.42
CA GLY B 57 -4.84 -10.26 33.33
C GLY B 57 -3.80 -9.39 34.04
N TYR B 58 -2.79 -8.98 33.29
CA TYR B 58 -1.73 -8.11 33.82
C TYR B 58 -0.89 -8.77 34.89
N GLN B 59 -0.60 -10.06 34.74
CA GLN B 59 0.21 -10.74 35.74
C GLN B 59 1.03 -11.93 35.29
N CYS B 60 1.39 -12.00 34.02
CA CYS B 60 2.22 -13.08 33.53
C CYS B 60 3.65 -12.62 33.75
N GLU B 61 3.87 -11.31 33.69
CA GLU B 61 5.20 -10.76 33.90
C GLU B 61 5.55 -10.99 35.36
N ALA B 62 4.64 -10.61 36.23
CA ALA B 62 4.84 -10.74 37.67
C ALA B 62 5.21 -12.16 38.04
N ALA B 63 4.39 -13.11 37.59
CA ALA B 63 4.60 -14.53 37.86
C ALA B 63 5.94 -15.07 37.37
N PHE B 64 6.42 -14.52 36.25
CA PHE B 64 7.69 -14.92 35.68
C PHE B 64 8.81 -14.30 36.51
N GLY B 65 8.50 -13.22 37.23
CA GLY B 65 9.48 -12.56 38.05
C GLY B 65 9.74 -13.30 39.35
N GLU B 66 8.73 -14.03 39.82
CA GLU B 66 8.84 -14.82 41.04
C GLU B 66 9.79 -15.98 40.78
N ALA B 67 9.56 -16.67 39.65
CA ALA B 67 10.41 -17.79 39.25
C ALA B 67 11.84 -17.31 39.13
N LEU B 68 12.04 -16.10 38.61
CA LEU B 68 13.38 -15.54 38.46
C LEU B 68 14.00 -15.18 39.80
N LYS B 69 13.18 -14.70 40.72
CA LYS B 69 13.68 -14.31 42.03
C LYS B 69 14.07 -15.53 42.88
N LEU B 70 13.77 -16.72 42.38
CA LEU B 70 14.11 -17.96 43.05
C LEU B 70 15.33 -18.55 42.35
N ALA B 71 15.66 -17.97 41.19
CA ALA B 71 16.80 -18.43 40.38
C ALA B 71 17.58 -17.25 39.85
N PRO B 72 18.26 -16.50 40.73
CA PRO B 72 19.06 -15.33 40.37
C PRO B 72 20.24 -15.51 39.41
N HIS B 73 20.18 -16.54 38.57
CA HIS B 73 21.26 -16.78 37.63
C HIS B 73 20.71 -17.04 36.24
N LEU B 74 19.39 -17.03 36.12
CA LEU B 74 18.74 -17.27 34.84
C LEU B 74 18.64 -16.02 33.97
N ARG B 75 18.30 -14.88 34.56
CA ARG B 75 18.14 -13.66 33.78
C ARG B 75 19.39 -13.13 33.10
N GLU B 76 20.32 -14.00 32.74
CA GLU B 76 21.50 -13.55 32.03
C GLU B 76 21.61 -14.37 30.77
N ARG B 77 21.16 -15.60 30.87
CA ARG B 77 21.19 -16.52 29.76
C ARG B 77 20.06 -16.19 28.79
N MET B 78 19.11 -15.36 29.22
CA MET B 78 17.96 -15.01 28.40
C MET B 78 17.85 -13.55 27.99
N GLU B 79 17.09 -13.33 26.90
CA GLU B 79 16.81 -12.02 26.33
C GLU B 79 15.30 -11.84 26.49
N ILE B 80 14.89 -10.78 27.18
CA ILE B 80 13.47 -10.54 27.45
C ILE B 80 12.81 -9.53 26.53
N VAL B 81 11.76 -9.96 25.85
CA VAL B 81 11.01 -9.07 24.97
C VAL B 81 9.71 -8.79 25.70
N SER B 82 9.27 -7.53 25.72
CA SER B 82 8.01 -7.21 26.38
C SER B 82 7.31 -6.15 25.56
N LYS B 83 6.03 -5.93 25.83
CA LYS B 83 5.28 -4.95 25.05
C LYS B 83 4.44 -4.00 25.89
N CYS B 84 3.85 -3.01 25.22
CA CYS B 84 2.99 -2.02 25.86
C CYS B 84 2.31 -1.23 24.76
N GLY B 85 1.09 -0.75 25.05
CA GLY B 85 0.34 0.02 24.07
C GLY B 85 -1.14 -0.33 24.11
N ILE B 86 -1.48 -1.45 24.72
CA ILE B 86 -2.87 -1.90 24.82
C ILE B 86 -3.42 -1.70 26.24
N ALA B 87 -4.74 -1.60 26.36
CA ALA B 87 -5.36 -1.42 27.65
C ALA B 87 -6.59 -2.30 27.73
N THR B 88 -6.50 -3.37 28.50
CA THR B 88 -7.61 -4.30 28.64
C THR B 88 -8.63 -3.85 29.64
N THR B 89 -9.77 -4.53 29.64
CA THR B 89 -10.86 -4.23 30.54
C THR B 89 -10.64 -4.93 31.86
N ALA B 90 -9.53 -5.65 31.99
CA ALA B 90 -9.19 -6.35 33.22
C ALA B 90 -9.03 -5.30 34.33
N ARG B 91 -8.47 -4.15 33.98
CA ARG B 91 -8.30 -3.07 34.94
C ARG B 91 -9.69 -2.51 35.21
N GLU B 92 -9.86 -1.90 36.37
CA GLU B 92 -11.15 -1.32 36.72
C GLU B 92 -11.27 0.09 36.16
N GLU B 93 -10.13 0.64 35.74
CA GLU B 93 -10.07 1.98 35.19
C GLU B 93 -10.48 1.94 33.72
N ASN B 94 -10.17 0.83 33.06
CA ASN B 94 -10.50 0.68 31.65
C ASN B 94 -11.89 0.10 31.43
N VAL B 95 -12.79 0.96 30.94
CA VAL B 95 -14.16 0.57 30.67
C VAL B 95 -14.17 -0.17 29.34
N ILE B 96 -13.59 0.44 28.33
CA ILE B 96 -13.53 -0.16 27.01
C ILE B 96 -12.08 -0.61 26.75
N GLY B 97 -11.91 -1.62 25.91
CA GLY B 97 -10.56 -2.04 25.57
C GLY B 97 -10.03 -1.04 24.55
N HIS B 98 -8.90 -0.44 24.83
CA HIS B 98 -8.33 0.56 23.92
C HIS B 98 -6.81 0.47 23.92
N TYR B 99 -6.16 1.44 23.30
CA TYR B 99 -4.71 1.48 23.26
C TYR B 99 -4.24 2.71 24.01
N ILE B 100 -2.99 2.71 24.42
CA ILE B 100 -2.41 3.86 25.11
C ILE B 100 -0.94 3.98 24.71
N THR B 101 -0.69 4.91 23.79
CA THR B 101 0.65 5.13 23.27
C THR B 101 1.27 6.51 23.57
N ASP B 102 0.83 7.19 24.63
CA ASP B 102 1.40 8.49 24.96
C ASP B 102 2.69 8.31 25.75
N ARG B 103 3.57 9.29 25.69
CA ARG B 103 4.86 9.23 26.37
C ARG B 103 4.91 8.72 27.80
N ASP B 104 4.38 9.51 28.74
CA ASP B 104 4.42 9.10 30.15
C ASP B 104 3.98 7.68 30.40
N HIS B 105 3.03 7.19 29.61
CA HIS B 105 2.53 5.84 29.80
C HIS B 105 3.40 4.74 29.20
N ILE B 106 4.10 5.04 28.11
CA ILE B 106 4.96 4.04 27.51
C ILE B 106 6.15 3.85 28.44
N ILE B 107 6.48 4.89 29.23
CA ILE B 107 7.60 4.81 30.17
C ILE B 107 7.12 4.23 31.49
N LYS B 108 5.95 4.67 31.93
CA LYS B 108 5.37 4.20 33.16
C LYS B 108 5.24 2.68 33.13
N SER B 109 4.85 2.13 31.99
CA SER B 109 4.67 0.69 31.87
C SER B 109 5.96 -0.07 31.58
N ALA B 110 6.95 0.60 31.01
CA ALA B 110 8.21 -0.08 30.73
C ALA B 110 8.90 -0.36 32.04
N GLU B 111 8.93 0.64 32.93
CA GLU B 111 9.56 0.48 34.22
C GLU B 111 8.83 -0.52 35.10
N GLN B 112 7.53 -0.67 34.88
CA GLN B 112 6.75 -1.61 35.67
C GLN B 112 7.19 -3.01 35.27
N SER B 113 7.30 -3.25 33.96
CA SER B 113 7.72 -4.54 33.46
C SER B 113 9.08 -4.88 34.04
N LEU B 114 9.92 -3.86 34.21
CA LEU B 114 11.26 -4.03 34.76
C LEU B 114 11.11 -4.55 36.20
N ILE B 115 10.14 -4.00 36.91
CA ILE B 115 9.89 -4.41 38.29
C ILE B 115 9.35 -5.85 38.34
N ASN B 116 8.23 -6.09 37.65
CA ASN B 116 7.61 -7.41 37.63
C ASN B 116 8.56 -8.52 37.23
N LEU B 117 9.38 -8.27 36.21
CA LEU B 117 10.32 -9.28 35.73
C LEU B 117 11.61 -9.43 36.54
N ALA B 118 11.67 -8.79 37.70
CA ALA B 118 12.85 -8.89 38.55
C ALA B 118 14.13 -8.71 37.76
N THR B 119 14.26 -7.56 37.10
CA THR B 119 15.45 -7.26 36.31
C THR B 119 15.60 -5.75 36.21
N ASP B 120 16.73 -5.29 35.69
CA ASP B 120 16.94 -3.85 35.57
C ASP B 120 16.94 -3.30 34.13
N HIS B 121 16.53 -4.15 33.18
CA HIS B 121 16.48 -3.75 31.77
C HIS B 121 15.78 -4.80 30.89
N LEU B 122 15.19 -4.34 29.80
CA LEU B 122 14.51 -5.21 28.83
C LEU B 122 15.40 -5.19 27.60
N ASP B 123 15.40 -6.26 26.83
CA ASP B 123 16.24 -6.30 25.63
C ASP B 123 15.48 -5.72 24.43
N LEU B 124 14.16 -5.89 24.41
CA LEU B 124 13.34 -5.37 23.33
C LEU B 124 12.05 -4.83 23.93
N LEU B 125 11.63 -3.67 23.48
CA LEU B 125 10.38 -3.10 23.95
C LEU B 125 9.54 -2.84 22.70
N LEU B 126 8.47 -3.61 22.57
CA LEU B 126 7.59 -3.51 21.42
C LEU B 126 6.35 -2.67 21.67
N ILE B 127 5.93 -1.89 20.68
CA ILE B 127 4.71 -1.12 20.80
C ILE B 127 3.66 -2.12 20.33
N HIS B 128 3.11 -2.84 21.30
CA HIS B 128 2.13 -3.90 21.11
C HIS B 128 1.20 -3.87 19.90
N ARG B 129 0.50 -2.76 19.68
CA ARG B 129 -0.44 -2.71 18.58
C ARG B 129 -0.46 -1.32 17.98
N PRO B 130 -0.74 -1.20 16.68
CA PRO B 130 -0.79 0.08 15.96
C PRO B 130 -1.98 0.89 16.46
N ASP B 131 -1.72 2.10 16.93
CA ASP B 131 -2.75 2.97 17.51
C ASP B 131 -3.20 4.15 16.64
N PRO B 132 -4.52 4.31 16.45
CA PRO B 132 -5.04 5.41 15.63
C PRO B 132 -4.59 6.76 16.17
N LEU B 133 -4.33 6.80 17.48
CA LEU B 133 -3.91 8.02 18.15
C LEU B 133 -2.43 8.09 18.49
N MET B 134 -1.64 7.19 17.91
CA MET B 134 -0.22 7.19 18.19
C MET B 134 0.43 8.43 17.62
N ASP B 135 1.21 9.12 18.46
CA ASP B 135 1.92 10.30 18.01
C ASP B 135 3.40 9.92 17.95
N ALA B 136 3.86 9.54 16.77
CA ALA B 136 5.23 9.09 16.56
C ALA B 136 6.27 9.90 17.29
N ASP B 137 5.95 11.13 17.65
CA ASP B 137 6.91 11.95 18.37
C ASP B 137 6.88 11.67 19.86
N GLU B 138 5.68 11.56 20.43
CA GLU B 138 5.53 11.27 21.86
C GLU B 138 6.20 9.92 22.10
N VAL B 139 5.92 8.98 21.21
CA VAL B 139 6.48 7.65 21.29
C VAL B 139 8.00 7.69 21.17
N ALA B 140 8.54 8.53 20.28
CA ALA B 140 9.99 8.61 20.12
C ALA B 140 10.69 9.24 21.33
N ASP B 141 9.93 9.92 22.18
CA ASP B 141 10.47 10.55 23.39
C ASP B 141 10.63 9.49 24.48
N ALA B 142 9.62 8.63 24.60
CA ALA B 142 9.64 7.57 25.59
C ALA B 142 10.77 6.62 25.27
N PHE B 143 10.88 6.24 23.99
CA PHE B 143 11.95 5.32 23.56
C PHE B 143 13.35 5.88 23.76
N LYS B 144 13.52 7.20 23.63
CA LYS B 144 14.83 7.81 23.82
C LYS B 144 15.12 8.03 25.29
N HIS B 145 14.07 8.20 26.09
CA HIS B 145 14.24 8.38 27.52
C HIS B 145 14.70 7.05 28.10
N LEU B 146 14.01 5.97 27.74
CA LEU B 146 14.35 4.65 28.24
C LEU B 146 15.71 4.22 27.74
N HIS B 147 16.02 4.48 26.48
CA HIS B 147 17.32 4.07 25.97
C HIS B 147 18.46 4.76 26.72
N GLN B 148 18.18 5.92 27.31
CA GLN B 148 19.19 6.64 28.10
C GLN B 148 19.38 5.91 29.43
N SER B 149 18.29 5.80 30.17
CA SER B 149 18.28 5.13 31.45
C SER B 149 18.89 3.74 31.37
N GLY B 150 19.04 3.23 30.15
CA GLY B 150 19.62 1.91 29.99
C GLY B 150 18.66 0.83 30.45
N LYS B 151 17.39 1.19 30.64
CA LYS B 151 16.37 0.25 31.08
C LYS B 151 15.71 -0.51 29.92
N VAL B 152 16.05 -0.15 28.68
CA VAL B 152 15.52 -0.82 27.49
C VAL B 152 16.58 -0.72 26.40
N ARG B 153 17.11 -1.86 25.97
CA ARG B 153 18.16 -1.89 24.97
C ARG B 153 17.76 -1.61 23.52
N HIS B 154 16.75 -2.31 23.04
CA HIS B 154 16.30 -2.14 21.66
C HIS B 154 14.80 -1.92 21.58
N PHE B 155 14.31 -1.35 20.47
CA PHE B 155 12.88 -1.10 20.32
C PHE B 155 12.29 -1.65 19.04
N GLY B 156 11.01 -1.98 19.08
CA GLY B 156 10.34 -2.53 17.90
C GLY B 156 8.85 -2.32 17.98
N VAL B 157 8.13 -2.89 17.03
CA VAL B 157 6.68 -2.74 16.98
C VAL B 157 5.99 -4.09 16.84
N SER B 158 4.66 -4.09 16.73
CA SER B 158 3.97 -5.36 16.57
C SER B 158 2.59 -5.27 15.92
N ASN B 159 2.45 -5.92 14.77
CA ASN B 159 1.19 -5.93 14.02
C ASN B 159 1.03 -4.60 13.30
N PHE B 160 2.16 -4.03 12.91
CA PHE B 160 2.20 -2.76 12.21
C PHE B 160 2.19 -3.00 10.69
N THR B 161 1.58 -2.07 9.95
CA THR B 161 1.56 -2.19 8.49
C THR B 161 2.76 -1.37 8.00
N PRO B 162 3.32 -1.69 6.83
CA PRO B 162 4.48 -0.94 6.30
C PRO B 162 4.43 0.59 6.45
N ALA B 163 3.24 1.15 6.48
CA ALA B 163 3.05 2.60 6.61
C ALA B 163 3.16 3.09 8.05
N GLN B 164 2.73 2.27 8.99
CA GLN B 164 2.78 2.64 10.40
C GLN B 164 4.16 2.35 10.91
N PHE B 165 4.81 1.37 10.29
CA PHE B 165 6.16 0.99 10.67
C PHE B 165 7.05 2.14 10.26
N ALA B 166 6.84 2.64 9.05
CA ALA B 166 7.62 3.75 8.53
C ALA B 166 7.32 5.03 9.26
N LEU B 167 6.06 5.25 9.62
CA LEU B 167 5.74 6.47 10.34
C LEU B 167 6.57 6.57 11.61
N LEU B 168 6.62 5.49 12.39
CA LEU B 168 7.41 5.50 13.61
C LEU B 168 8.89 5.58 13.26
N GLN B 169 9.38 4.57 12.55
CA GLN B 169 10.78 4.53 12.17
C GLN B 169 11.33 5.91 11.84
N SER B 170 10.66 6.63 10.95
CA SER B 170 11.12 7.95 10.54
C SER B 170 11.44 8.90 11.70
N ARG B 171 10.86 8.70 12.87
CA ARG B 171 11.12 9.57 14.01
C ARG B 171 12.18 9.00 14.91
N LEU B 172 12.65 7.79 14.61
CA LEU B 172 13.67 7.15 15.44
C LEU B 172 15.09 7.21 14.91
N PRO B 173 16.04 7.48 15.81
CA PRO B 173 17.47 7.58 15.48
C PRO B 173 18.14 6.20 15.35
N PHE B 174 17.41 5.15 15.72
CA PHE B 174 17.92 3.79 15.64
C PHE B 174 16.96 2.77 15.02
N THR B 175 17.54 1.83 14.30
CA THR B 175 16.79 0.77 13.60
C THR B 175 15.82 -0.01 14.48
N LEU B 176 14.58 -0.15 14.01
CA LEU B 176 13.58 -0.91 14.74
C LEU B 176 14.04 -2.36 14.66
N ALA B 177 14.13 -3.01 15.82
CA ALA B 177 14.62 -4.37 15.91
C ALA B 177 13.74 -5.48 15.38
N THR B 178 12.43 -5.31 15.41
CA THR B 178 11.55 -6.35 14.90
C THR B 178 10.17 -5.80 14.64
N ASN B 179 9.27 -6.68 14.22
CA ASN B 179 7.88 -6.33 13.94
C ASN B 179 7.10 -7.61 14.10
N GLN B 180 6.87 -8.00 15.35
CA GLN B 180 6.17 -9.24 15.65
C GLN B 180 4.82 -9.31 14.99
N VAL B 181 4.64 -10.27 14.08
CA VAL B 181 3.40 -10.45 13.33
C VAL B 181 2.90 -11.89 13.36
N GLU B 182 1.74 -12.16 12.78
CA GLU B 182 1.19 -13.53 12.75
C GLU B 182 1.49 -14.29 11.46
N ILE B 183 2.06 -15.49 11.56
CA ILE B 183 2.39 -16.24 10.34
C ILE B 183 2.21 -17.75 10.50
N SER B 184 1.43 -18.33 9.58
CA SER B 184 1.17 -19.77 9.58
C SER B 184 0.41 -20.15 8.31
N PRO B 185 0.41 -21.45 7.96
CA PRO B 185 -0.31 -21.87 6.75
C PRO B 185 -1.79 -21.52 6.83
N VAL B 186 -2.29 -21.31 8.05
CA VAL B 186 -3.69 -20.96 8.23
C VAL B 186 -3.90 -19.45 8.31
N HIS B 187 -2.82 -18.71 8.07
CA HIS B 187 -2.87 -17.27 8.08
C HIS B 187 -1.68 -16.71 7.32
N GLN B 188 -1.84 -16.53 6.01
CA GLN B 188 -0.75 -16.04 5.19
C GLN B 188 -0.90 -14.63 4.59
N PRO B 189 -1.90 -13.85 5.05
CA PRO B 189 -2.01 -12.53 4.43
C PRO B 189 -0.74 -11.72 4.42
N LEU B 190 0.14 -11.93 5.39
CA LEU B 190 1.38 -11.16 5.47
C LEU B 190 2.41 -11.51 4.41
N LEU B 191 2.32 -12.72 3.86
CA LEU B 191 3.27 -13.17 2.86
C LEU B 191 3.26 -12.35 1.57
N LEU B 192 2.14 -11.72 1.27
CA LEU B 192 2.01 -10.95 0.05
C LEU B 192 1.56 -9.49 0.18
N ASP B 193 0.84 -9.18 1.25
CA ASP B 193 0.34 -7.81 1.45
C ASP B 193 1.44 -6.77 1.67
N GLY B 194 2.69 -7.16 1.53
CA GLY B 194 3.79 -6.22 1.69
C GLY B 194 4.46 -6.11 3.05
N THR B 195 3.90 -6.74 4.08
CA THR B 195 4.51 -6.66 5.41
C THR B 195 5.79 -7.48 5.56
N LEU B 196 5.93 -8.54 4.77
CA LEU B 196 7.13 -9.33 4.87
C LEU B 196 8.15 -8.83 3.86
N ASP B 197 7.66 -8.11 2.85
CA ASP B 197 8.54 -7.54 1.83
C ASP B 197 9.33 -6.40 2.44
N GLN B 198 8.65 -5.56 3.21
CA GLN B 198 9.30 -4.44 3.87
C GLN B 198 10.37 -4.93 4.80
N LEU B 199 10.06 -5.97 5.57
CA LEU B 199 10.98 -6.53 6.53
C LEU B 199 12.21 -7.15 5.85
N GLN B 200 11.99 -7.97 4.83
CA GLN B 200 13.15 -8.55 4.17
C GLN B 200 14.01 -7.43 3.58
N GLN B 201 13.35 -6.43 3.00
CA GLN B 201 14.08 -5.35 2.39
C GLN B 201 14.93 -4.59 3.38
N LEU B 202 14.42 -4.42 4.59
CA LEU B 202 15.17 -3.68 5.62
C LEU B 202 16.16 -4.58 6.36
N ARG B 203 16.05 -5.89 6.13
CA ARG B 203 16.91 -6.89 6.76
C ARG B 203 16.60 -7.03 8.24
N VAL B 204 15.31 -6.85 8.55
CA VAL B 204 14.76 -6.97 9.90
C VAL B 204 14.07 -8.33 9.94
N ARG B 205 14.04 -9.00 11.09
CA ARG B 205 13.39 -10.30 11.20
C ARG B 205 12.14 -10.23 12.05
N PRO B 206 11.02 -10.79 11.55
CA PRO B 206 9.79 -10.74 12.34
C PRO B 206 9.66 -11.93 13.27
N MET B 207 9.23 -11.70 14.50
CA MET B 207 9.02 -12.80 15.42
C MET B 207 7.59 -13.24 15.13
N ALA B 208 7.43 -14.27 14.31
CA ALA B 208 6.10 -14.73 13.95
C ALA B 208 5.31 -15.32 15.10
N TRP B 209 4.14 -14.77 15.39
CA TRP B 209 3.33 -15.31 16.46
C TRP B 209 2.18 -16.19 15.98
N SER B 210 1.78 -17.12 16.82
CA SER B 210 0.69 -18.06 16.52
C SER B 210 0.96 -18.95 15.31
N CYS B 211 2.24 -19.24 15.07
CA CYS B 211 2.64 -20.09 13.95
C CYS B 211 1.61 -21.16 13.63
N ARG B 216 -5.14 -23.68 16.88
CA ARG B 216 -6.40 -24.17 16.32
C ARG B 216 -6.28 -24.64 14.86
N LEU B 217 -5.10 -25.16 14.54
CA LEU B 217 -4.80 -25.68 13.21
C LEU B 217 -5.19 -27.16 13.22
N PHE B 218 -5.06 -27.78 14.39
CA PHE B 218 -5.38 -29.19 14.60
C PHE B 218 -6.85 -29.28 15.00
N ASN B 219 -7.31 -28.26 15.70
CA ASN B 219 -8.68 -28.20 16.17
C ASN B 219 -9.66 -27.96 15.02
N ASP B 220 -9.57 -26.81 14.37
CA ASP B 220 -10.47 -26.51 13.25
C ASP B 220 -10.40 -27.71 12.30
N ASP B 221 -11.55 -28.18 11.83
CA ASP B 221 -11.59 -29.35 10.95
C ASP B 221 -11.56 -29.04 9.45
N TYR B 222 -11.89 -27.80 9.10
CA TYR B 222 -11.87 -27.35 7.71
C TYR B 222 -10.41 -27.45 7.26
N PHE B 223 -9.53 -27.70 8.22
CA PHE B 223 -8.10 -27.82 7.96
C PHE B 223 -7.58 -29.25 8.01
N GLN B 224 -8.36 -30.16 7.46
CA GLN B 224 -7.99 -31.57 7.41
C GLN B 224 -6.97 -31.79 6.28
N PRO B 225 -7.31 -31.37 5.05
CA PRO B 225 -6.40 -31.53 3.90
C PRO B 225 -5.02 -30.97 4.21
N LEU B 226 -4.99 -29.89 4.99
CA LEU B 226 -3.74 -29.27 5.39
C LEU B 226 -3.02 -30.24 6.31
N ARG B 227 -3.76 -30.82 7.24
CA ARG B 227 -3.18 -31.76 8.19
C ARG B 227 -2.71 -33.04 7.52
N ASP B 228 -3.34 -33.39 6.40
CA ASP B 228 -2.95 -34.60 5.68
C ASP B 228 -1.67 -34.38 4.90
N GLU B 229 -1.44 -33.13 4.46
CA GLU B 229 -0.22 -32.83 3.72
C GLU B 229 0.96 -32.70 4.66
N LEU B 230 0.73 -32.10 5.82
CA LEU B 230 1.79 -31.96 6.81
C LEU B 230 2.23 -33.38 7.20
N ALA B 231 1.25 -34.28 7.30
CA ALA B 231 1.53 -35.66 7.66
C ALA B 231 2.26 -36.38 6.54
N VAL B 232 1.93 -36.06 5.29
CA VAL B 232 2.57 -36.68 4.15
C VAL B 232 3.94 -36.12 3.86
N VAL B 233 4.21 -34.90 4.35
CA VAL B 233 5.51 -34.27 4.17
C VAL B 233 6.39 -34.59 5.39
N ALA B 234 5.74 -34.87 6.52
CA ALA B 234 6.46 -35.21 7.72
C ALA B 234 7.14 -36.52 7.38
N GLU B 235 6.37 -37.45 6.83
CA GLU B 235 6.91 -38.74 6.43
C GLU B 235 8.14 -38.51 5.58
N GLU B 236 7.97 -37.75 4.51
CA GLU B 236 9.07 -37.46 3.60
C GLU B 236 10.32 -36.90 4.27
N LEU B 237 10.16 -35.90 5.13
CA LEU B 237 11.29 -35.27 5.82
C LEU B 237 11.68 -36.04 7.08
N ASN B 238 10.83 -36.99 7.47
CA ASN B 238 11.06 -37.78 8.66
C ASN B 238 11.00 -36.86 9.86
N ALA B 239 9.81 -36.32 10.10
CA ALA B 239 9.58 -35.40 11.20
C ALA B 239 8.74 -36.12 12.26
N GLY B 240 9.04 -35.83 13.52
CA GLY B 240 8.32 -36.45 14.61
C GLY B 240 6.84 -36.13 14.66
N SER B 241 6.48 -34.91 14.26
CA SER B 241 5.08 -34.48 14.28
C SER B 241 4.80 -33.51 13.15
N ILE B 242 3.52 -33.26 12.86
CA ILE B 242 3.19 -32.33 11.79
C ILE B 242 3.50 -30.90 12.23
N GLU B 243 3.59 -30.68 13.54
CA GLU B 243 3.88 -29.36 14.06
C GLU B 243 5.30 -28.96 13.71
N GLN B 244 6.18 -29.95 13.58
CA GLN B 244 7.55 -29.69 13.20
C GLN B 244 7.57 -29.20 11.77
N VAL B 245 6.67 -29.73 10.94
CA VAL B 245 6.58 -29.31 9.54
C VAL B 245 6.09 -27.87 9.52
N VAL B 246 5.07 -27.57 10.32
CA VAL B 246 4.53 -26.23 10.38
C VAL B 246 5.64 -25.26 10.76
N ASN B 247 6.28 -25.50 11.90
CA ASN B 247 7.37 -24.63 12.32
C ASN B 247 8.42 -24.45 11.20
N ALA B 248 8.75 -25.52 10.50
CA ALA B 248 9.74 -25.45 9.42
C ALA B 248 9.19 -24.78 8.17
N TRP B 249 7.86 -24.76 8.03
CA TRP B 249 7.22 -24.13 6.88
C TRP B 249 7.43 -22.63 7.06
N VAL B 250 7.14 -22.17 8.27
CA VAL B 250 7.28 -20.78 8.66
C VAL B 250 8.74 -20.37 8.69
N LEU B 251 9.54 -21.23 9.28
CA LEU B 251 10.97 -20.99 9.43
C LEU B 251 11.70 -20.74 8.12
N ARG B 252 11.17 -21.25 7.02
CA ARG B 252 11.84 -21.10 5.74
C ARG B 252 11.47 -19.91 4.83
N LEU B 253 10.67 -18.98 5.35
CA LEU B 253 10.31 -17.80 4.58
C LEU B 253 11.58 -16.95 4.50
N PRO B 254 11.82 -16.32 3.34
CA PRO B 254 13.01 -15.50 3.13
C PRO B 254 13.23 -14.33 4.08
N SER B 255 12.18 -13.93 4.80
CA SER B 255 12.30 -12.82 5.74
C SER B 255 12.93 -13.31 7.04
N GLN B 256 12.99 -14.64 7.19
CA GLN B 256 13.57 -15.35 8.33
C GLN B 256 12.92 -15.03 9.67
N PRO B 257 11.74 -15.62 9.95
CA PRO B 257 10.99 -15.42 11.18
C PRO B 257 11.56 -16.16 12.39
N LEU B 258 11.16 -15.74 13.57
CA LEU B 258 11.58 -16.38 14.80
C LEU B 258 10.28 -16.93 15.33
N PRO B 259 10.03 -18.23 15.14
CA PRO B 259 8.77 -18.77 15.64
C PRO B 259 8.65 -18.63 17.15
N ILE B 260 7.47 -18.29 17.63
CA ILE B 260 7.29 -18.19 19.06
C ILE B 260 6.53 -19.42 19.51
N ILE B 261 7.18 -20.24 20.33
CA ILE B 261 6.54 -21.44 20.83
C ILE B 261 5.63 -21.02 21.98
N GLY B 262 4.36 -21.41 21.91
CA GLY B 262 3.42 -21.02 22.94
C GLY B 262 2.95 -22.13 23.86
N SER B 263 3.48 -23.33 23.67
CA SER B 263 3.11 -24.48 24.50
C SER B 263 3.80 -24.49 25.87
N GLY B 264 3.09 -24.97 26.88
CA GLY B 264 3.63 -25.02 28.22
C GLY B 264 4.23 -26.40 28.51
N LYS B 265 4.07 -27.30 27.54
CA LYS B 265 4.59 -28.64 27.64
C LYS B 265 6.02 -28.65 27.14
N ILE B 266 6.97 -28.84 28.03
CA ILE B 266 8.35 -28.84 27.64
C ILE B 266 8.69 -29.91 26.61
N GLU B 267 7.77 -30.86 26.38
CA GLU B 267 8.00 -31.92 25.39
C GLU B 267 7.78 -31.36 24.00
N ARG B 268 6.79 -30.47 23.90
CA ARG B 268 6.44 -29.84 22.66
C ARG B 268 7.40 -28.73 22.30
N VAL B 269 8.02 -28.15 23.32
CA VAL B 269 8.98 -27.08 23.08
C VAL B 269 10.14 -27.71 22.33
N ARG B 270 10.69 -28.78 22.91
CA ARG B 270 11.81 -29.50 22.31
C ARG B 270 11.53 -29.96 20.89
N ALA B 271 10.33 -30.46 20.64
CA ALA B 271 9.93 -30.94 19.32
C ALA B 271 9.90 -29.82 18.30
N ALA B 272 9.36 -28.67 18.70
CA ALA B 272 9.28 -27.52 17.83
C ALA B 272 10.68 -27.02 17.50
N VAL B 273 11.54 -27.04 18.51
CA VAL B 273 12.92 -26.59 18.35
C VAL B 273 13.69 -27.47 17.38
N GLU B 274 13.29 -28.73 17.30
CA GLU B 274 13.95 -29.67 16.40
C GLU B 274 13.40 -29.54 14.98
N ALA B 275 12.59 -28.53 14.74
CA ALA B 275 12.03 -28.29 13.43
C ALA B 275 13.12 -27.76 12.51
N GLU B 276 14.19 -27.24 13.09
CA GLU B 276 15.30 -26.68 12.31
C GLU B 276 15.96 -27.75 11.44
N THR B 277 16.46 -28.80 12.08
CA THR B 277 17.11 -29.88 11.36
C THR B 277 16.41 -30.23 10.05
N LEU B 278 15.08 -30.10 10.01
CA LEU B 278 14.32 -30.42 8.81
C LEU B 278 14.76 -29.63 7.59
N LYS B 279 14.91 -30.33 6.47
CA LYS B 279 15.31 -29.71 5.21
C LYS B 279 14.14 -29.80 4.22
N MET B 280 13.20 -28.88 4.38
CA MET B 280 12.01 -28.82 3.55
C MET B 280 12.34 -28.23 2.19
N THR B 281 11.88 -28.88 1.14
CA THR B 281 12.14 -28.41 -0.21
C THR B 281 11.06 -27.47 -0.72
N ARG B 282 11.45 -26.62 -1.65
CA ARG B 282 10.57 -25.65 -2.25
C ARG B 282 9.19 -26.22 -2.60
N GLN B 283 9.14 -27.33 -3.33
CA GLN B 283 7.87 -27.92 -3.72
C GLN B 283 6.97 -28.35 -2.55
N GLN B 284 7.58 -28.72 -1.43
CA GLN B 284 6.79 -29.15 -0.30
C GLN B 284 6.17 -27.92 0.33
N TRP B 285 6.90 -26.81 0.26
CA TRP B 285 6.43 -25.56 0.82
C TRP B 285 5.18 -25.09 0.09
N PHE B 286 5.19 -25.16 -1.24
CA PHE B 286 4.02 -24.75 -2.04
C PHE B 286 2.92 -25.81 -1.92
N ARG B 287 3.34 -27.03 -1.62
CA ARG B 287 2.43 -28.15 -1.45
C ARG B 287 1.62 -27.94 -0.15
N ILE B 288 2.30 -27.44 0.89
CA ILE B 288 1.66 -27.18 2.19
C ILE B 288 0.81 -25.93 2.08
N ARG B 289 1.32 -24.93 1.35
CA ARG B 289 0.63 -23.67 1.15
C ARG B 289 -0.72 -23.90 0.48
N LYS B 290 -0.69 -24.70 -0.58
CA LYS B 290 -1.89 -25.03 -1.36
C LYS B 290 -2.94 -25.84 -0.60
N ALA B 291 -2.51 -26.81 0.18
CA ALA B 291 -3.45 -27.63 0.92
C ALA B 291 -4.17 -26.78 1.96
N ALA B 292 -3.55 -25.66 2.33
CA ALA B 292 -4.12 -24.74 3.30
C ALA B 292 -5.10 -23.80 2.62
N LEU B 293 -4.63 -23.09 1.60
CA LEU B 293 -5.46 -22.16 0.85
C LEU B 293 -6.46 -22.84 -0.07
N GLY B 294 -6.04 -23.94 -0.66
CA GLY B 294 -6.91 -24.68 -1.56
C GLY B 294 -6.63 -24.36 -3.02
N TYR B 295 -5.89 -23.30 -3.28
CA TYR B 295 -5.57 -22.91 -4.67
C TYR B 295 -4.09 -22.71 -4.92
N ASP B 296 -3.71 -22.84 -6.18
CA ASP B 296 -2.32 -22.67 -6.63
C ASP B 296 -1.89 -21.21 -6.65
N VAL B 297 -0.60 -20.99 -6.90
CA VAL B 297 -0.07 -19.64 -6.98
C VAL B 297 -0.56 -19.09 -8.32
N PRO B 298 -0.67 -17.76 -8.47
CA PRO B 298 -1.14 -17.15 -9.72
C PRO B 298 -0.40 -17.63 -10.97
N LEU C 1 6.63 4.02 -39.10
CA LEU C 1 6.82 2.77 -38.30
C LEU C 1 6.53 3.06 -36.82
N VAL C 2 6.26 2.02 -36.03
CA VAL C 2 5.97 2.20 -34.61
C VAL C 2 7.12 2.89 -33.87
N GLN C 3 6.78 4.00 -33.23
CA GLN C 3 7.71 4.82 -32.48
C GLN C 3 8.61 3.95 -31.62
N ARG C 4 9.72 4.53 -31.17
CA ARG C 4 10.66 3.83 -30.32
C ARG C 4 10.48 4.43 -28.93
N ILE C 5 10.79 3.67 -27.89
CA ILE C 5 10.62 4.18 -26.53
C ILE C 5 11.55 3.55 -25.51
N THR C 6 12.43 4.37 -24.93
CA THR C 6 13.37 3.89 -23.91
C THR C 6 12.51 3.55 -22.69
N ILE C 7 12.40 2.26 -22.38
CA ILE C 7 11.57 1.82 -21.27
C ILE C 7 11.91 2.28 -19.85
N ALA C 8 13.18 2.46 -19.53
CA ALA C 8 13.54 2.89 -18.19
C ALA C 8 14.60 3.97 -18.29
N PRO C 9 15.12 4.46 -17.15
CA PRO C 9 16.15 5.51 -17.19
C PRO C 9 17.43 5.09 -17.91
N GLN C 10 18.03 3.98 -17.52
CA GLN C 10 19.24 3.52 -18.21
C GLN C 10 18.82 2.38 -19.12
N GLY C 11 17.52 2.10 -19.12
CA GLY C 11 16.98 1.02 -19.91
C GLY C 11 17.23 1.08 -21.39
N PRO C 12 16.75 0.07 -22.14
CA PRO C 12 16.88 -0.11 -23.58
C PRO C 12 15.79 0.65 -24.35
N GLU C 13 15.85 0.60 -25.67
CA GLU C 13 14.87 1.28 -26.49
C GLU C 13 14.03 0.21 -27.18
N PHE C 14 12.80 0.04 -26.72
CA PHE C 14 11.93 -0.95 -27.32
C PHE C 14 11.00 -0.27 -28.32
N SER C 15 10.27 -1.07 -29.09
CA SER C 15 9.32 -0.54 -30.05
C SER C 15 8.03 -0.47 -29.26
N ARG C 16 7.31 0.64 -29.31
CA ARG C 16 6.09 0.78 -28.53
C ARG C 16 5.12 -0.40 -28.52
N PHE C 17 5.08 -1.18 -29.60
CA PHE C 17 4.23 -2.37 -29.64
C PHE C 17 5.19 -3.54 -29.65
N VAL C 18 5.06 -4.42 -28.66
CA VAL C 18 5.90 -5.60 -28.50
C VAL C 18 5.14 -6.78 -29.12
N MET C 19 5.86 -7.71 -29.76
CA MET C 19 5.22 -8.88 -30.36
C MET C 19 5.40 -10.06 -29.42
N GLY C 20 4.30 -10.66 -28.97
CA GLY C 20 4.40 -11.76 -28.03
C GLY C 20 4.24 -13.15 -28.62
N TYR C 21 5.17 -14.03 -28.28
CA TYR C 21 5.15 -15.40 -28.78
C TYR C 21 4.76 -16.44 -27.73
N TRP C 22 3.59 -16.27 -27.14
CA TRP C 22 3.10 -17.20 -26.12
C TRP C 22 2.30 -18.32 -26.77
N ARG C 23 1.46 -17.98 -27.74
CA ARG C 23 0.67 -18.99 -28.42
C ARG C 23 1.40 -19.56 -29.62
N LEU C 24 2.66 -19.18 -29.77
CA LEU C 24 3.47 -19.64 -30.90
C LEU C 24 3.21 -21.08 -31.29
N MET C 25 3.18 -21.97 -30.31
CA MET C 25 2.94 -23.37 -30.59
C MET C 25 1.61 -23.58 -31.31
N ASP C 26 0.61 -22.80 -30.90
CA ASP C 26 -0.74 -22.88 -31.48
C ASP C 26 -0.86 -22.37 -32.90
N TRP C 27 0.02 -21.46 -33.30
CA TRP C 27 -0.05 -20.92 -34.65
C TRP C 27 0.42 -21.96 -35.66
N ASN C 28 1.08 -23.01 -35.17
CA ASN C 28 1.57 -24.07 -36.04
C ASN C 28 2.30 -23.46 -37.24
N MET C 29 3.59 -23.16 -37.06
CA MET C 29 4.37 -22.57 -38.15
C MET C 29 5.77 -23.17 -38.29
N SER C 30 6.11 -23.58 -39.51
CA SER C 30 7.42 -24.14 -39.81
C SER C 30 8.40 -22.98 -39.72
N ALA C 31 9.62 -23.23 -39.25
CA ALA C 31 10.62 -22.17 -39.14
C ALA C 31 10.64 -21.35 -40.42
N ARG C 32 10.27 -21.99 -41.52
CA ARG C 32 10.21 -21.34 -42.83
C ARG C 32 9.14 -20.25 -42.77
N GLN C 33 7.93 -20.63 -42.36
CA GLN C 33 6.80 -19.72 -42.23
C GLN C 33 7.07 -18.64 -41.19
N LEU C 34 7.45 -19.07 -39.98
CA LEU C 34 7.75 -18.15 -38.90
C LEU C 34 8.65 -17.02 -39.36
N VAL C 35 9.84 -17.36 -39.84
CA VAL C 35 10.80 -16.34 -40.28
C VAL C 35 10.16 -15.31 -41.21
N SER C 36 9.11 -15.71 -41.91
CA SER C 36 8.42 -14.82 -42.83
C SER C 36 7.62 -13.81 -42.00
N PHE C 37 6.90 -14.35 -41.03
CA PHE C 37 6.07 -13.57 -40.10
C PHE C 37 6.96 -12.61 -39.31
N ILE C 38 8.06 -13.15 -38.79
CA ILE C 38 9.02 -12.38 -38.02
C ILE C 38 9.58 -11.24 -38.85
N GLU C 39 9.52 -11.38 -40.17
CA GLU C 39 10.02 -10.31 -41.05
C GLU C 39 8.94 -9.27 -41.24
N GLU C 40 7.82 -9.70 -41.81
CA GLU C 40 6.70 -8.81 -42.05
C GLU C 40 6.44 -7.92 -40.85
N HIS C 41 6.40 -8.52 -39.66
CA HIS C 41 6.11 -7.75 -38.47
C HIS C 41 7.19 -6.79 -38.01
N LEU C 42 8.46 -7.14 -38.12
CA LEU C 42 9.47 -6.17 -37.70
C LEU C 42 9.78 -5.20 -38.82
N ASP C 43 8.95 -5.22 -39.86
CA ASP C 43 9.09 -4.32 -41.00
C ASP C 43 8.09 -3.19 -40.77
N LEU C 44 7.19 -3.42 -39.81
CA LEU C 44 6.16 -2.46 -39.46
C LEU C 44 6.77 -1.53 -38.41
N GLY C 45 7.69 -2.08 -37.64
CA GLY C 45 8.33 -1.29 -36.60
C GLY C 45 8.36 -2.08 -35.33
N VAL C 46 7.65 -3.20 -35.31
CA VAL C 46 7.60 -4.08 -34.13
C VAL C 46 8.88 -4.89 -34.06
N THR C 47 9.85 -4.40 -33.30
CA THR C 47 11.11 -5.09 -33.21
C THR C 47 11.31 -5.85 -31.90
N THR C 48 10.55 -5.47 -30.88
CA THR C 48 10.66 -6.12 -29.58
C THR C 48 9.80 -7.37 -29.57
N VAL C 49 10.39 -8.50 -29.22
CA VAL C 49 9.63 -9.74 -29.17
C VAL C 49 9.64 -10.26 -27.73
N ASP C 50 8.46 -10.69 -27.27
CA ASP C 50 8.28 -11.19 -25.92
C ASP C 50 8.31 -12.72 -25.87
N HIS C 51 9.03 -13.24 -24.88
CA HIS C 51 9.17 -14.68 -24.68
C HIS C 51 9.23 -14.99 -23.21
N ALA C 52 9.28 -16.28 -22.87
CA ALA C 52 9.38 -16.68 -21.48
C ALA C 52 9.83 -18.12 -21.26
N ASP C 53 10.29 -18.34 -20.03
CA ASP C 53 10.77 -19.62 -19.55
C ASP C 53 9.85 -20.78 -19.95
N ILE C 54 8.73 -20.85 -19.24
CA ILE C 54 7.70 -21.88 -19.38
C ILE C 54 6.85 -21.94 -20.65
N TYR C 55 6.87 -20.90 -21.49
CA TYR C 55 6.04 -20.82 -22.70
C TYR C 55 6.01 -22.00 -23.67
N GLY C 56 4.79 -22.50 -23.90
CA GLY C 56 4.57 -23.61 -24.82
C GLY C 56 5.09 -24.94 -24.31
N GLY C 57 5.10 -25.11 -23.00
CA GLY C 57 5.60 -26.33 -22.41
C GLY C 57 7.11 -26.34 -22.60
N TYR C 58 7.71 -25.16 -22.49
CA TYR C 58 9.15 -25.00 -22.65
C TYR C 58 9.58 -25.27 -24.10
N GLN C 59 8.67 -25.04 -25.05
CA GLN C 59 8.95 -25.28 -26.47
C GLN C 59 9.04 -24.02 -27.33
N CYS C 60 8.25 -23.00 -26.98
CA CYS C 60 8.22 -21.76 -27.74
C CYS C 60 9.55 -21.06 -28.01
N GLU C 61 10.43 -20.99 -27.01
CA GLU C 61 11.73 -20.35 -27.22
C GLU C 61 12.51 -21.13 -28.28
N ALA C 62 12.65 -22.43 -28.02
CA ALA C 62 13.35 -23.35 -28.91
C ALA C 62 12.80 -23.26 -30.34
N ALA C 63 11.48 -23.32 -30.47
CA ALA C 63 10.84 -23.24 -31.77
C ALA C 63 11.25 -21.99 -32.51
N PHE C 64 11.34 -20.87 -31.78
CA PHE C 64 11.70 -19.56 -32.33
C PHE C 64 13.19 -19.48 -32.70
N GLY C 65 14.02 -20.22 -31.96
CA GLY C 65 15.44 -20.22 -32.22
C GLY C 65 15.78 -20.92 -33.52
N GLU C 66 14.85 -21.71 -34.04
CA GLU C 66 15.07 -22.42 -35.29
C GLU C 66 14.91 -21.45 -36.44
N ALA C 67 14.10 -20.41 -36.20
CA ALA C 67 13.84 -19.36 -37.19
C ALA C 67 15.05 -18.46 -37.33
N LEU C 68 15.63 -18.06 -36.20
CA LEU C 68 16.82 -17.20 -36.23
C LEU C 68 18.01 -17.90 -36.82
N LYS C 69 18.05 -19.23 -36.69
CA LYS C 69 19.16 -20.02 -37.21
C LYS C 69 19.14 -20.07 -38.75
N LEU C 70 17.97 -20.21 -39.34
CA LEU C 70 17.89 -20.27 -40.79
C LEU C 70 17.65 -18.89 -41.40
N ALA C 71 17.65 -17.89 -40.54
CA ALA C 71 17.46 -16.50 -40.95
C ALA C 71 18.20 -15.68 -39.89
N PRO C 72 19.52 -15.89 -39.79
CA PRO C 72 20.38 -15.20 -38.83
C PRO C 72 20.57 -13.70 -39.01
N HIS C 73 20.08 -13.15 -40.12
CA HIS C 73 20.22 -11.72 -40.35
C HIS C 73 19.16 -10.96 -39.55
N LEU C 74 18.37 -11.71 -38.80
CA LEU C 74 17.29 -11.13 -38.00
C LEU C 74 17.67 -10.63 -36.62
N ARG C 75 18.34 -11.45 -35.82
CA ARG C 75 18.69 -11.05 -34.46
C ARG C 75 18.99 -9.58 -34.23
N GLU C 76 19.93 -9.01 -34.98
CA GLU C 76 20.28 -7.60 -34.77
C GLU C 76 19.10 -6.65 -34.91
N ARG C 77 18.08 -7.07 -35.65
CA ARG C 77 16.91 -6.24 -35.89
C ARG C 77 15.83 -6.28 -34.82
N MET C 78 16.08 -6.98 -33.72
CA MET C 78 15.06 -7.09 -32.68
C MET C 78 15.63 -7.09 -31.27
N GLU C 79 14.72 -6.98 -30.31
CA GLU C 79 15.07 -7.01 -28.90
C GLU C 79 14.35 -8.23 -28.38
N ILE C 80 15.07 -9.10 -27.68
CA ILE C 80 14.44 -10.30 -27.14
C ILE C 80 14.21 -10.13 -25.65
N VAL C 81 12.98 -10.39 -25.24
CA VAL C 81 12.57 -10.29 -23.85
C VAL C 81 12.15 -11.67 -23.41
N SER C 82 12.58 -12.10 -22.23
CA SER C 82 12.19 -13.41 -21.75
C SER C 82 12.10 -13.36 -20.26
N LYS C 83 11.56 -14.41 -19.67
CA LYS C 83 11.39 -14.47 -18.23
C LYS C 83 11.84 -15.81 -17.70
N CYS C 84 11.73 -15.97 -16.40
CA CYS C 84 12.11 -17.22 -15.72
C CYS C 84 11.70 -17.04 -14.28
N GLY C 85 11.38 -18.13 -13.60
CA GLY C 85 11.00 -18.03 -12.21
C GLY C 85 9.75 -18.82 -11.91
N ILE C 86 9.29 -19.57 -12.89
CA ILE C 86 8.10 -20.40 -12.69
C ILE C 86 8.39 -21.87 -13.00
N ALA C 87 7.69 -22.76 -12.29
CA ALA C 87 7.86 -24.19 -12.50
C ALA C 87 6.52 -24.83 -12.87
N THR C 88 6.36 -25.10 -14.16
CA THR C 88 5.15 -25.71 -14.71
C THR C 88 5.18 -27.21 -14.47
N THR C 89 4.01 -27.85 -14.50
CA THR C 89 3.96 -29.29 -14.30
C THR C 89 4.20 -30.00 -15.63
N ALA C 90 4.72 -29.26 -16.61
CA ALA C 90 5.04 -29.82 -17.92
C ALA C 90 6.30 -30.67 -17.75
N ARG C 91 6.84 -30.64 -16.53
CA ARG C 91 8.04 -31.40 -16.20
C ARG C 91 7.70 -32.35 -15.07
N GLU C 92 8.26 -33.56 -15.15
CA GLU C 92 8.03 -34.60 -14.15
C GLU C 92 8.45 -34.21 -12.73
N GLU C 93 9.53 -33.48 -12.60
CA GLU C 93 10.00 -33.07 -11.28
C GLU C 93 8.93 -32.30 -10.53
N ASN C 94 8.36 -31.29 -11.20
CA ASN C 94 7.34 -30.44 -10.62
C ASN C 94 5.99 -31.15 -10.55
N VAL C 95 5.72 -31.79 -9.41
CA VAL C 95 4.47 -32.51 -9.21
C VAL C 95 3.35 -31.51 -8.92
N ILE C 96 3.72 -30.23 -8.79
CA ILE C 96 2.79 -29.16 -8.49
C ILE C 96 3.29 -27.84 -9.06
N GLY C 97 2.36 -26.94 -9.37
CA GLY C 97 2.73 -25.65 -9.92
C GLY C 97 3.30 -24.75 -8.83
N HIS C 98 4.51 -24.24 -9.05
CA HIS C 98 5.16 -23.38 -8.08
C HIS C 98 6.15 -22.40 -8.71
N TYR C 99 7.05 -21.88 -7.88
CA TYR C 99 8.06 -20.91 -8.31
C TYR C 99 9.48 -21.35 -7.95
N ILE C 100 10.45 -20.92 -8.74
CA ILE C 100 11.86 -21.22 -8.48
C ILE C 100 12.76 -20.01 -8.77
N THR C 101 12.74 -19.05 -7.85
CA THR C 101 13.53 -17.83 -7.94
C THR C 101 14.89 -18.07 -7.27
N ASP C 102 15.30 -19.33 -7.25
CA ASP C 102 16.57 -19.77 -6.68
C ASP C 102 17.72 -19.26 -7.55
N ARG C 103 18.74 -18.70 -6.92
CA ARG C 103 19.89 -18.17 -7.65
C ARG C 103 20.33 -19.03 -8.82
N ASP C 104 20.76 -20.26 -8.54
CA ASP C 104 21.22 -21.17 -9.58
C ASP C 104 20.17 -21.52 -10.63
N HIS C 105 18.91 -21.54 -10.25
CA HIS C 105 17.89 -21.89 -11.23
C HIS C 105 17.78 -20.82 -12.30
N ILE C 106 17.79 -19.55 -11.90
CA ILE C 106 17.68 -18.47 -12.87
C ILE C 106 18.83 -18.58 -13.86
N ILE C 107 20.07 -18.48 -13.38
CA ILE C 107 21.24 -18.56 -14.24
C ILE C 107 21.17 -19.81 -15.13
N LYS C 108 20.41 -20.80 -14.69
CA LYS C 108 20.28 -22.02 -15.45
C LYS C 108 19.30 -21.73 -16.60
N SER C 109 18.15 -21.15 -16.24
CA SER C 109 17.08 -20.80 -17.20
C SER C 109 17.46 -19.74 -18.21
N ALA C 110 18.26 -18.76 -17.78
CA ALA C 110 18.71 -17.69 -18.65
C ALA C 110 19.60 -18.23 -19.75
N GLU C 111 20.62 -18.97 -19.36
CA GLU C 111 21.57 -19.55 -20.32
C GLU C 111 20.93 -20.56 -21.24
N GLN C 112 19.79 -21.10 -20.83
CA GLN C 112 19.08 -22.07 -21.65
C GLN C 112 18.36 -21.29 -22.73
N SER C 113 17.81 -20.14 -22.35
CA SER C 113 17.10 -19.29 -23.28
C SER C 113 18.04 -18.83 -24.38
N LEU C 114 19.26 -18.45 -24.01
CA LEU C 114 20.24 -18.03 -25.01
C LEU C 114 20.43 -19.20 -25.98
N ILE C 115 20.50 -20.41 -25.43
CA ILE C 115 20.69 -21.63 -26.22
C ILE C 115 19.50 -21.97 -27.13
N ASN C 116 18.29 -21.89 -26.58
CA ASN C 116 17.09 -22.20 -27.34
C ASN C 116 16.81 -21.22 -28.46
N LEU C 117 17.01 -19.94 -28.18
CA LEU C 117 16.78 -18.89 -29.17
C LEU C 117 17.95 -18.70 -30.13
N ALA C 118 18.99 -19.52 -29.96
CA ALA C 118 20.16 -19.44 -30.82
C ALA C 118 20.66 -18.00 -30.85
N THR C 119 20.71 -17.36 -29.69
CA THR C 119 21.19 -15.99 -29.58
C THR C 119 22.31 -15.96 -28.55
N ASP C 120 23.22 -15.01 -28.65
CA ASP C 120 24.31 -14.96 -27.69
C ASP C 120 23.99 -14.12 -26.45
N HIS C 121 22.86 -13.42 -26.48
CA HIS C 121 22.45 -12.57 -25.35
C HIS C 121 20.97 -12.20 -25.43
N LEU C 122 20.43 -11.78 -24.30
CA LEU C 122 19.05 -11.36 -24.19
C LEU C 122 19.08 -9.88 -23.86
N ASP C 123 18.05 -9.17 -24.26
CA ASP C 123 17.98 -7.75 -23.98
C ASP C 123 17.30 -7.54 -22.65
N LEU C 124 16.32 -8.39 -22.36
CA LEU C 124 15.56 -8.30 -21.11
C LEU C 124 15.24 -9.65 -20.49
N LEU C 125 15.54 -9.80 -19.22
CA LEU C 125 15.21 -11.01 -18.48
C LEU C 125 14.30 -10.50 -17.41
N LEU C 126 13.13 -11.11 -17.33
CA LEU C 126 12.10 -10.73 -16.38
C LEU C 126 11.81 -11.86 -15.38
N ILE C 127 11.81 -11.55 -14.09
CA ILE C 127 11.45 -12.56 -13.11
C ILE C 127 9.94 -12.73 -13.37
N HIS C 128 9.60 -13.79 -14.09
CA HIS C 128 8.22 -14.08 -14.49
C HIS C 128 7.10 -13.71 -13.51
N ARG C 129 7.20 -14.14 -12.26
CA ARG C 129 6.12 -13.89 -11.29
C ARG C 129 6.69 -13.78 -9.87
N PRO C 130 6.07 -12.96 -9.00
CA PRO C 130 6.47 -12.73 -7.60
C PRO C 130 6.30 -13.95 -6.68
N ASP C 131 7.40 -14.36 -6.05
CA ASP C 131 7.40 -15.54 -5.21
C ASP C 131 7.46 -15.31 -3.68
N PRO C 132 6.57 -16.00 -2.92
CA PRO C 132 6.54 -15.84 -1.46
C PRO C 132 7.90 -16.19 -0.86
N LEU C 133 8.61 -17.11 -1.50
CA LEU C 133 9.92 -17.55 -1.06
C LEU C 133 11.07 -16.86 -1.80
N MET C 134 10.81 -15.70 -2.37
CA MET C 134 11.87 -15.00 -3.09
C MET C 134 12.83 -14.28 -2.16
N ASP C 135 14.12 -14.43 -2.45
CA ASP C 135 15.14 -13.78 -1.65
C ASP C 135 15.88 -12.77 -2.50
N ALA C 136 15.52 -11.50 -2.32
CA ALA C 136 16.12 -10.41 -3.07
C ALA C 136 17.61 -10.60 -3.35
N ASP C 137 18.36 -11.03 -2.34
CA ASP C 137 19.79 -11.20 -2.52
C ASP C 137 20.14 -12.31 -3.51
N GLU C 138 19.40 -13.40 -3.49
CA GLU C 138 19.68 -14.50 -4.41
C GLU C 138 19.44 -14.08 -5.84
N VAL C 139 18.36 -13.36 -6.07
CA VAL C 139 18.03 -12.90 -7.42
C VAL C 139 19.01 -11.83 -7.88
N ALA C 140 19.44 -10.97 -6.98
CA ALA C 140 20.37 -9.92 -7.33
C ALA C 140 21.70 -10.49 -7.79
N ASP C 141 22.13 -11.58 -7.16
CA ASP C 141 23.41 -12.22 -7.52
C ASP C 141 23.32 -12.92 -8.86
N ALA C 142 22.20 -13.60 -9.13
CA ALA C 142 22.04 -14.27 -10.41
C ALA C 142 22.10 -13.20 -11.50
N PHE C 143 21.62 -12.00 -11.17
CA PHE C 143 21.61 -10.88 -12.11
C PHE C 143 22.97 -10.26 -12.34
N LYS C 144 23.75 -10.06 -11.28
CA LYS C 144 25.08 -9.48 -11.40
C LYS C 144 25.91 -10.38 -12.30
N HIS C 145 25.66 -11.69 -12.17
CA HIS C 145 26.36 -12.68 -12.94
C HIS C 145 26.02 -12.58 -14.42
N LEU C 146 24.78 -12.91 -14.77
CA LEU C 146 24.33 -12.87 -16.15
C LEU C 146 24.72 -11.57 -16.83
N HIS C 147 24.91 -10.53 -16.03
CA HIS C 147 25.27 -9.22 -16.55
C HIS C 147 26.74 -9.15 -16.93
N GLN C 148 27.62 -9.52 -16.00
CA GLN C 148 29.05 -9.50 -16.25
C GLN C 148 29.43 -10.69 -17.13
N SER C 149 28.46 -11.20 -17.87
CA SER C 149 28.67 -12.32 -18.76
C SER C 149 28.25 -11.87 -20.13
N GLY C 150 27.57 -10.72 -20.16
CA GLY C 150 27.10 -10.15 -21.41
C GLY C 150 25.92 -10.92 -21.96
N LYS C 151 25.45 -11.91 -21.20
CA LYS C 151 24.32 -12.73 -21.62
C LYS C 151 22.98 -12.02 -21.51
N VAL C 152 22.90 -11.02 -20.63
CA VAL C 152 21.66 -10.25 -20.45
C VAL C 152 21.98 -8.77 -20.31
N ARG C 153 21.37 -7.96 -21.18
CA ARG C 153 21.59 -6.52 -21.18
C ARG C 153 20.88 -5.82 -20.03
N HIS C 154 19.59 -6.14 -19.88
CA HIS C 154 18.80 -5.52 -18.85
C HIS C 154 17.94 -6.49 -18.06
N PHE C 155 17.44 -6.02 -16.93
CA PHE C 155 16.61 -6.86 -16.08
C PHE C 155 15.32 -6.18 -15.69
N GLY C 156 14.30 -6.99 -15.42
CA GLY C 156 13.00 -6.45 -15.04
C GLY C 156 12.19 -7.51 -14.34
N VAL C 157 11.01 -7.13 -13.88
CA VAL C 157 10.12 -8.05 -13.17
C VAL C 157 8.78 -8.14 -13.88
N SER C 158 7.88 -8.98 -13.38
CA SER C 158 6.56 -9.11 -13.99
C SER C 158 5.49 -9.49 -12.97
N ASN C 159 4.42 -8.69 -12.94
CA ASN C 159 3.31 -8.87 -12.02
C ASN C 159 3.73 -8.63 -10.59
N PHE C 160 4.65 -7.70 -10.39
CA PHE C 160 5.13 -7.35 -9.06
C PHE C 160 4.34 -6.23 -8.43
N THR C 161 4.09 -6.36 -7.14
CA THR C 161 3.39 -5.36 -6.37
C THR C 161 4.40 -4.24 -6.23
N PRO C 162 3.97 -3.02 -5.91
CA PRO C 162 4.99 -1.99 -5.78
C PRO C 162 5.97 -2.33 -4.64
N ALA C 163 5.48 -3.02 -3.62
CA ALA C 163 6.30 -3.41 -2.49
C ALA C 163 7.33 -4.49 -2.85
N GLN C 164 6.96 -5.37 -3.77
CA GLN C 164 7.83 -6.43 -4.23
C GLN C 164 8.83 -5.90 -5.25
N PHE C 165 8.38 -4.94 -6.06
CA PHE C 165 9.22 -4.31 -7.06
C PHE C 165 10.31 -3.54 -6.35
N ALA C 166 9.93 -2.84 -5.27
CA ALA C 166 10.87 -2.05 -4.50
C ALA C 166 11.85 -2.93 -3.73
N LEU C 167 11.35 -4.03 -3.17
CA LEU C 167 12.20 -4.97 -2.44
C LEU C 167 13.40 -5.39 -3.27
N LEU C 168 13.15 -5.89 -4.47
CA LEU C 168 14.21 -6.34 -5.37
C LEU C 168 15.07 -5.20 -5.90
N GLN C 169 14.47 -4.02 -6.04
CA GLN C 169 15.20 -2.87 -6.54
C GLN C 169 16.26 -2.36 -5.54
N SER C 170 16.05 -2.62 -4.26
CA SER C 170 17.00 -2.19 -3.23
C SER C 170 18.26 -3.00 -3.31
N ARG C 171 18.17 -4.14 -4.01
CA ARG C 171 19.29 -5.06 -4.18
C ARG C 171 20.01 -4.91 -5.51
N LEU C 172 19.58 -3.96 -6.34
CA LEU C 172 20.21 -3.77 -7.64
C LEU C 172 20.87 -2.42 -7.88
N PRO C 173 21.99 -2.43 -8.60
CA PRO C 173 22.74 -1.22 -8.92
C PRO C 173 22.17 -0.52 -10.15
N PHE C 174 21.28 -1.21 -10.86
CA PHE C 174 20.63 -0.64 -12.06
C PHE C 174 19.10 -0.62 -11.96
N THR C 175 18.48 0.36 -12.62
CA THR C 175 17.04 0.52 -12.59
C THR C 175 16.27 -0.54 -13.37
N LEU C 176 15.34 -1.22 -12.70
CA LEU C 176 14.52 -2.25 -13.32
C LEU C 176 13.88 -1.68 -14.58
N ALA C 177 14.24 -2.26 -15.72
CA ALA C 177 13.75 -1.80 -17.00
C ALA C 177 12.24 -1.79 -17.15
N THR C 178 11.53 -2.68 -16.45
CA THR C 178 10.08 -2.72 -16.60
C THR C 178 9.37 -3.60 -15.58
N ASN C 179 8.05 -3.69 -15.70
CA ASN C 179 7.22 -4.52 -14.82
C ASN C 179 6.00 -4.93 -15.65
N GLN C 180 6.20 -5.97 -16.47
CA GLN C 180 5.14 -6.45 -17.35
C GLN C 180 3.89 -6.83 -16.60
N VAL C 181 2.86 -6.00 -16.68
CA VAL C 181 1.61 -6.27 -16.01
C VAL C 181 0.43 -6.31 -16.98
N GLU C 182 -0.72 -6.81 -16.54
CA GLU C 182 -1.89 -6.87 -17.40
C GLU C 182 -2.74 -5.62 -17.31
N ILE C 183 -3.03 -4.99 -18.45
CA ILE C 183 -3.86 -3.78 -18.48
C ILE C 183 -4.81 -3.83 -19.66
N SER C 184 -6.10 -3.76 -19.39
CA SER C 184 -7.12 -3.76 -20.43
C SER C 184 -8.40 -3.28 -19.79
N PRO C 185 -9.34 -2.77 -20.59
CA PRO C 185 -10.62 -2.28 -20.05
C PRO C 185 -11.32 -3.29 -19.13
N VAL C 186 -11.05 -4.58 -19.36
CA VAL C 186 -11.65 -5.65 -18.56
C VAL C 186 -10.87 -5.92 -17.27
N HIS C 187 -9.60 -5.55 -17.24
CA HIS C 187 -8.78 -5.75 -16.05
C HIS C 187 -8.10 -4.43 -15.69
N GLN C 188 -8.74 -3.66 -14.82
CA GLN C 188 -8.22 -2.36 -14.43
C GLN C 188 -7.79 -2.17 -12.98
N PRO C 189 -7.43 -3.24 -12.26
CA PRO C 189 -7.03 -2.95 -10.87
C PRO C 189 -5.70 -2.22 -10.75
N LEU C 190 -4.74 -2.59 -11.58
CA LEU C 190 -3.44 -1.95 -11.51
C LEU C 190 -3.52 -0.44 -11.68
N LEU C 191 -4.60 0.06 -12.26
CA LEU C 191 -4.73 1.51 -12.45
C LEU C 191 -4.86 2.29 -11.17
N LEU C 192 -5.20 1.60 -10.08
CA LEU C 192 -5.39 2.34 -8.84
C LEU C 192 -4.84 1.71 -7.58
N ASP C 193 -4.15 0.58 -7.69
CA ASP C 193 -3.60 -0.05 -6.51
C ASP C 193 -2.19 0.49 -6.27
N GLY C 194 -1.76 1.40 -7.14
CA GLY C 194 -0.44 2.00 -6.99
C GLY C 194 0.64 1.46 -7.91
N THR C 195 0.34 0.36 -8.60
CA THR C 195 1.31 -0.24 -9.50
C THR C 195 1.67 0.74 -10.59
N LEU C 196 0.67 1.27 -11.30
CA LEU C 196 0.97 2.21 -12.37
C LEU C 196 1.42 3.58 -11.87
N ASP C 197 1.20 3.86 -10.59
CA ASP C 197 1.64 5.16 -10.05
C ASP C 197 3.14 5.10 -9.74
N GLN C 198 3.59 3.96 -9.24
CA GLN C 198 5.00 3.77 -8.96
C GLN C 198 5.76 3.75 -10.28
N LEU C 199 5.19 3.07 -11.26
CA LEU C 199 5.83 2.98 -12.55
C LEU C 199 5.94 4.33 -13.25
N GLN C 200 4.95 5.20 -13.10
CA GLN C 200 5.05 6.49 -13.75
C GLN C 200 6.09 7.30 -12.98
N GLN C 201 6.03 7.21 -11.66
CA GLN C 201 6.94 7.94 -10.80
C GLN C 201 8.41 7.68 -11.09
N LEU C 202 8.76 6.41 -11.29
CA LEU C 202 10.13 6.01 -11.56
C LEU C 202 10.47 6.12 -13.05
N ARG C 203 9.49 6.50 -13.84
CA ARG C 203 9.69 6.62 -15.28
C ARG C 203 10.04 5.27 -15.89
N VAL C 204 9.37 4.23 -15.43
CA VAL C 204 9.57 2.89 -15.95
C VAL C 204 8.34 2.55 -16.78
N ARG C 205 8.56 2.05 -18.00
CA ARG C 205 7.45 1.72 -18.91
C ARG C 205 7.06 0.26 -18.80
N PRO C 206 5.80 0.00 -18.38
CA PRO C 206 5.23 -1.34 -18.22
C PRO C 206 4.73 -1.96 -19.50
N MET C 207 5.18 -3.16 -19.82
CA MET C 207 4.73 -3.86 -21.00
C MET C 207 3.38 -4.42 -20.56
N ALA C 208 2.33 -4.13 -21.31
CA ALA C 208 1.00 -4.57 -20.91
C ALA C 208 0.54 -5.82 -21.62
N TRP C 209 0.21 -6.86 -20.85
CA TRP C 209 -0.25 -8.08 -21.49
C TRP C 209 -1.74 -8.32 -21.45
N SER C 210 -2.19 -9.12 -22.40
CA SER C 210 -3.60 -9.47 -22.56
C SER C 210 -4.53 -8.26 -22.61
N CYS C 211 -4.16 -7.27 -23.44
CA CYS C 211 -4.95 -6.06 -23.58
C CYS C 211 -6.33 -6.43 -24.08
N LEU C 212 -6.43 -7.57 -24.74
CA LEU C 212 -7.70 -8.07 -25.26
C LEU C 212 -8.22 -9.17 -24.35
N GLY C 213 -7.92 -9.05 -23.05
CA GLY C 213 -8.37 -10.02 -22.07
C GLY C 213 -8.10 -11.44 -22.52
N GLY C 214 -7.01 -11.63 -23.27
CA GLY C 214 -6.66 -12.96 -23.76
C GLY C 214 -7.51 -13.41 -24.92
N GLY C 215 -8.31 -12.50 -25.47
CA GLY C 215 -9.16 -12.84 -26.59
C GLY C 215 -10.62 -13.02 -26.17
N ARG C 216 -10.86 -13.09 -24.87
CA ARG C 216 -12.21 -13.26 -24.38
C ARG C 216 -12.96 -11.93 -24.36
N LEU C 217 -12.50 -11.00 -25.16
CA LEU C 217 -13.14 -9.69 -25.26
C LEU C 217 -14.22 -9.78 -26.32
N PHE C 218 -13.96 -10.56 -27.35
CA PHE C 218 -14.90 -10.71 -28.47
C PHE C 218 -15.79 -11.94 -28.29
N ASN C 219 -15.42 -12.80 -27.35
CA ASN C 219 -16.17 -14.03 -27.10
C ASN C 219 -17.00 -13.99 -25.82
N ASP C 220 -16.39 -13.58 -24.71
CA ASP C 220 -17.12 -13.51 -23.45
C ASP C 220 -18.39 -12.69 -23.63
N ASP C 221 -19.52 -13.28 -23.25
CA ASP C 221 -20.82 -12.61 -23.39
C ASP C 221 -21.17 -11.64 -22.27
N TYR C 222 -20.21 -11.37 -21.39
CA TYR C 222 -20.45 -10.45 -20.28
C TYR C 222 -19.82 -9.10 -20.61
N PHE C 223 -19.41 -8.92 -21.86
CA PHE C 223 -18.78 -7.69 -22.28
C PHE C 223 -19.47 -6.98 -23.43
N GLN C 224 -20.76 -7.23 -23.63
CA GLN C 224 -21.47 -6.58 -24.72
C GLN C 224 -21.55 -5.06 -24.53
N PRO C 225 -21.74 -4.60 -23.29
CA PRO C 225 -21.83 -3.15 -23.09
C PRO C 225 -20.50 -2.48 -23.49
N LEU C 226 -19.40 -3.20 -23.24
CA LEU C 226 -18.07 -2.71 -23.56
C LEU C 226 -17.77 -2.78 -25.04
N ARG C 227 -18.31 -3.77 -25.73
CA ARG C 227 -18.07 -3.89 -27.16
C ARG C 227 -18.98 -2.96 -27.94
N ASP C 228 -20.11 -2.60 -27.33
CA ASP C 228 -21.05 -1.70 -27.97
C ASP C 228 -20.46 -0.31 -27.89
N GLU C 229 -19.93 0.03 -26.72
CA GLU C 229 -19.34 1.34 -26.51
C GLU C 229 -18.11 1.48 -27.40
N LEU C 230 -17.28 0.45 -27.41
CA LEU C 230 -16.08 0.48 -28.25
C LEU C 230 -16.45 0.72 -29.70
N ALA C 231 -17.50 0.04 -30.18
CA ALA C 231 -17.93 0.20 -31.57
C ALA C 231 -18.31 1.64 -31.83
N VAL C 232 -19.03 2.26 -30.88
CA VAL C 232 -19.45 3.64 -31.03
C VAL C 232 -18.22 4.51 -31.18
N VAL C 233 -17.36 4.50 -30.16
CA VAL C 233 -16.15 5.30 -30.22
C VAL C 233 -15.35 5.00 -31.49
N ALA C 234 -15.33 3.74 -31.91
CA ALA C 234 -14.61 3.33 -33.10
C ALA C 234 -15.01 4.20 -34.28
N GLU C 235 -16.29 4.54 -34.35
CA GLU C 235 -16.80 5.36 -35.45
C GLU C 235 -16.36 6.80 -35.27
N GLU C 236 -16.28 7.24 -34.02
CA GLU C 236 -15.86 8.60 -33.67
C GLU C 236 -14.37 8.86 -33.91
N LEU C 237 -13.56 7.82 -33.75
CA LEU C 237 -12.12 7.90 -33.95
C LEU C 237 -11.79 7.46 -35.38
N ASN C 238 -12.78 6.86 -36.04
CA ASN C 238 -12.60 6.37 -37.40
C ASN C 238 -11.66 5.18 -37.40
N ALA C 239 -11.67 4.41 -36.31
CA ALA C 239 -10.83 3.23 -36.17
C ALA C 239 -11.35 2.07 -37.01
N GLY C 240 -10.51 1.06 -37.19
CA GLY C 240 -10.91 -0.08 -37.99
C GLY C 240 -11.55 -1.19 -37.19
N SER C 241 -11.10 -1.36 -35.95
CA SER C 241 -11.64 -2.41 -35.10
C SER C 241 -11.72 -1.95 -33.66
N ILE C 242 -12.65 -2.53 -32.91
CA ILE C 242 -12.77 -2.17 -31.51
C ILE C 242 -11.44 -2.48 -30.83
N GLU C 243 -10.74 -3.47 -31.34
CA GLU C 243 -9.44 -3.88 -30.81
C GLU C 243 -8.49 -2.71 -30.82
N GLN C 244 -8.56 -1.89 -31.86
CA GLN C 244 -7.70 -0.71 -31.99
C GLN C 244 -8.09 0.33 -30.98
N VAL C 245 -9.39 0.42 -30.69
CA VAL C 245 -9.88 1.38 -29.71
C VAL C 245 -9.34 0.96 -28.35
N VAL C 246 -9.24 -0.34 -28.12
CA VAL C 246 -8.72 -0.85 -26.86
C VAL C 246 -7.22 -0.61 -26.82
N ASN C 247 -6.50 -1.03 -27.85
CA ASN C 247 -5.05 -0.85 -27.90
C ASN C 247 -4.71 0.65 -27.77
N ALA C 248 -5.72 1.51 -27.81
CA ALA C 248 -5.48 2.96 -27.69
C ALA C 248 -5.87 3.41 -26.30
N TRP C 249 -6.97 2.85 -25.80
CA TRP C 249 -7.46 3.14 -24.47
C TRP C 249 -6.29 2.87 -23.54
N VAL C 250 -5.59 1.78 -23.82
CA VAL C 250 -4.44 1.34 -23.05
C VAL C 250 -3.25 2.25 -23.35
N LEU C 251 -3.02 2.47 -24.63
CA LEU C 251 -1.91 3.29 -25.09
C LEU C 251 -1.84 4.66 -24.46
N ARG C 252 -2.99 5.22 -24.05
CA ARG C 252 -2.95 6.57 -23.50
C ARG C 252 -2.88 6.77 -21.98
N LEU C 253 -2.57 5.72 -21.23
CA LEU C 253 -2.44 5.85 -19.80
C LEU C 253 -1.13 6.62 -19.57
N PRO C 254 -1.07 7.48 -18.53
CA PRO C 254 0.14 8.26 -18.26
C PRO C 254 1.44 7.51 -17.98
N SER C 255 1.35 6.25 -17.57
CA SER C 255 2.54 5.45 -17.30
C SER C 255 3.15 4.99 -18.62
N GLN C 256 2.40 5.20 -19.71
CA GLN C 256 2.80 4.85 -21.08
C GLN C 256 3.18 3.40 -21.34
N PRO C 257 2.19 2.49 -21.33
CA PRO C 257 2.45 1.07 -21.57
C PRO C 257 2.80 0.69 -23.02
N LEU C 258 3.53 -0.43 -23.17
CA LEU C 258 3.91 -0.95 -24.50
C LEU C 258 3.04 -2.17 -24.71
N PRO C 259 1.90 -2.01 -25.41
CA PRO C 259 0.99 -3.14 -25.66
C PRO C 259 1.61 -4.32 -26.39
N ILE C 260 1.40 -5.52 -25.84
CA ILE C 260 1.93 -6.74 -26.43
C ILE C 260 0.88 -7.42 -27.28
N ILE C 261 1.19 -7.59 -28.55
CA ILE C 261 0.28 -8.21 -29.49
C ILE C 261 0.44 -9.73 -29.37
N GLY C 262 -0.66 -10.44 -29.28
CA GLY C 262 -0.61 -11.89 -29.15
C GLY C 262 -1.18 -12.67 -30.32
N SER C 263 -1.69 -11.95 -31.32
CA SER C 263 -2.27 -12.57 -32.51
C SER C 263 -1.24 -13.23 -33.41
N GLY C 264 -1.64 -14.34 -34.03
CA GLY C 264 -0.76 -15.06 -34.93
C GLY C 264 -0.99 -14.75 -36.41
N LYS C 265 -1.89 -13.81 -36.66
CA LYS C 265 -2.22 -13.39 -38.00
C LYS C 265 -1.55 -12.05 -38.24
N ILE C 266 -0.64 -11.99 -39.20
CA ILE C 266 0.09 -10.78 -39.50
C ILE C 266 -0.80 -9.58 -39.87
N GLU C 267 -2.00 -9.85 -40.40
CA GLU C 267 -2.93 -8.79 -40.76
C GLU C 267 -3.57 -8.16 -39.54
N ARG C 268 -3.76 -8.98 -38.50
CA ARG C 268 -4.33 -8.53 -37.23
C ARG C 268 -3.25 -7.76 -36.50
N VAL C 269 -2.01 -8.09 -36.82
CA VAL C 269 -0.85 -7.42 -36.23
C VAL C 269 -0.69 -6.10 -36.97
N ARG C 270 -1.14 -6.05 -38.22
CA ARG C 270 -1.05 -4.82 -38.99
C ARG C 270 -1.99 -3.79 -38.39
N ALA C 271 -3.25 -4.16 -38.19
CA ALA C 271 -4.25 -3.27 -37.61
C ALA C 271 -3.75 -2.67 -36.30
N ALA C 272 -3.34 -3.53 -35.38
CA ALA C 272 -2.85 -3.10 -34.09
C ALA C 272 -2.02 -1.83 -34.20
N VAL C 273 -0.79 -1.95 -34.70
CA VAL C 273 0.10 -0.81 -34.83
C VAL C 273 -0.57 0.51 -35.26
N GLU C 274 -1.70 0.42 -35.97
CA GLU C 274 -2.42 1.62 -36.42
C GLU C 274 -3.02 2.39 -35.26
N ALA C 275 -3.40 1.65 -34.22
CA ALA C 275 -3.99 2.25 -33.04
C ALA C 275 -3.10 3.36 -32.51
N GLU C 276 -1.82 3.30 -32.86
CA GLU C 276 -0.88 4.31 -32.38
C GLU C 276 -1.21 5.67 -32.96
N THR C 277 -1.81 5.68 -34.14
CA THR C 277 -2.16 6.92 -34.81
C THR C 277 -3.47 7.53 -34.35
N LEU C 278 -4.30 6.74 -33.66
CA LEU C 278 -5.59 7.23 -33.18
C LEU C 278 -5.42 8.19 -32.03
N LYS C 279 -6.31 9.17 -31.95
CA LYS C 279 -6.25 10.13 -30.87
C LYS C 279 -7.58 10.13 -30.11
N MET C 280 -7.55 9.48 -28.95
CA MET C 280 -8.70 9.31 -28.07
C MET C 280 -8.84 10.42 -27.03
N THR C 281 -10.05 10.97 -26.89
CA THR C 281 -10.32 12.04 -25.92
C THR C 281 -10.50 11.51 -24.50
N ARG C 282 -10.43 12.38 -23.50
CA ARG C 282 -10.59 11.93 -22.12
C ARG C 282 -11.98 11.37 -21.87
N GLN C 283 -12.99 12.06 -22.38
CA GLN C 283 -14.38 11.64 -22.20
C GLN C 283 -14.71 10.38 -22.99
N GLN C 284 -13.82 10.03 -23.91
CA GLN C 284 -14.00 8.86 -24.74
C GLN C 284 -13.36 7.76 -23.92
N TRP C 285 -12.34 8.15 -23.17
CA TRP C 285 -11.61 7.23 -22.32
C TRP C 285 -12.47 6.76 -21.15
N PHE C 286 -13.11 7.70 -20.47
CA PHE C 286 -13.98 7.41 -19.33
C PHE C 286 -15.25 6.74 -19.76
N ARG C 287 -15.63 6.97 -21.01
CA ARG C 287 -16.84 6.42 -21.59
C ARG C 287 -16.64 4.92 -21.82
N ILE C 288 -15.41 4.52 -22.15
CA ILE C 288 -15.07 3.12 -22.37
C ILE C 288 -14.79 2.41 -21.04
N ARG C 289 -14.32 3.16 -20.04
CA ARG C 289 -14.03 2.61 -18.73
C ARG C 289 -15.37 2.27 -18.08
N LYS C 290 -16.30 3.21 -18.18
CA LYS C 290 -17.64 3.05 -17.62
C LYS C 290 -18.33 1.85 -18.22
N ALA C 291 -18.39 1.80 -19.56
CA ALA C 291 -19.02 0.70 -20.25
C ALA C 291 -18.46 -0.68 -19.85
N ALA C 292 -17.18 -0.71 -19.48
CA ALA C 292 -16.52 -1.95 -19.09
C ALA C 292 -16.73 -2.29 -17.62
N LEU C 293 -17.06 -1.30 -16.80
CA LEU C 293 -17.25 -1.51 -15.38
C LEU C 293 -18.69 -1.53 -14.86
N GLY C 294 -19.48 -0.55 -15.25
CA GLY C 294 -20.86 -0.49 -14.80
C GLY C 294 -21.14 0.68 -13.88
N TYR C 295 -20.09 1.37 -13.43
CA TYR C 295 -20.22 2.53 -12.55
C TYR C 295 -19.26 3.65 -12.94
N ASP C 296 -19.44 4.82 -12.35
CA ASP C 296 -18.62 6.00 -12.64
C ASP C 296 -17.45 6.23 -11.69
N VAL C 297 -16.47 7.00 -12.14
CA VAL C 297 -15.30 7.31 -11.32
C VAL C 297 -15.79 7.89 -10.00
N PRO C 298 -15.01 7.75 -8.93
CA PRO C 298 -15.35 8.25 -7.59
C PRO C 298 -15.74 9.71 -7.60
PA NAP D . -20.63 18.39 7.28
O1A NAP D . -20.82 17.00 7.37
O2A NAP D . -19.88 19.24 8.28
O5B NAP D . -22.05 19.12 7.09
C5B NAP D . -23.05 18.88 8.10
C4B NAP D . -24.42 19.05 7.34
O4B NAP D . -25.37 18.77 8.44
C3B NAP D . -24.75 20.50 6.91
O3B NAP D . -25.43 20.34 5.68
C2B NAP D . -25.64 21.08 8.00
O2B NAP D . -26.71 21.92 7.53
C1B NAP D . -26.20 19.85 8.78
N9A NAP D . -26.11 20.06 10.22
C8A NAP D . -25.12 20.69 10.98
N7A NAP D . -25.36 20.69 12.28
C5A NAP D . -26.58 20.01 12.37
C6A NAP D . -27.34 19.69 13.50
N6A NAP D . -27.06 19.98 14.79
N1A NAP D . -28.55 18.98 13.28
C2A NAP D . -28.95 18.62 11.98
N3A NAP D . -28.22 18.93 10.85
C4A NAP D . -27.04 19.63 11.09
O3 NAP D . -19.91 18.72 5.89
PN NAP D . -20.50 19.17 4.49
O1N NAP D . -20.69 18.23 3.39
O2N NAP D . -20.37 20.64 4.30
O5D NAP D . -18.98 19.00 3.95
C5D NAP D . -17.78 19.51 4.66
C4D NAP D . -16.95 20.46 3.79
O4D NAP D . -15.92 19.80 3.02
C3D NAP D . -17.71 21.40 2.78
O3D NAP D . -17.86 22.72 3.32
C2D NAP D . -16.90 21.38 1.51
O2D NAP D . -16.30 22.63 1.22
C1D NAP D . -15.86 20.33 1.67
N1N NAP D . -15.91 19.16 0.70
C2N NAP D . -14.73 18.61 0.09
C3N NAP D . -14.89 17.55 -0.82
C7N NAP D . -13.64 16.93 -1.50
O7N NAP D . -13.85 16.03 -2.27
N7N NAP D . -12.44 17.36 -1.24
C4N NAP D . -16.22 17.02 -1.14
C5N NAP D . -17.35 17.59 -0.51
C6N NAP D . -17.22 18.66 0.41
P2B NAP D . -27.35 23.13 8.41
O1X NAP D . -26.58 24.18 9.20
O2X NAP D . -28.77 23.40 7.96
O3X NAP D . -26.79 23.92 7.24
PA NAP E . 0.71 -20.93 19.18
O1A NAP E . -0.54 -20.70 18.53
O2A NAP E . 2.01 -21.35 18.51
O5B NAP E . 0.51 -21.99 20.36
C5B NAP E . -0.07 -23.26 19.99
C4B NAP E . -1.22 -23.47 21.03
O4B NAP E . -1.79 -24.77 20.57
C3B NAP E . -0.74 -23.77 22.48
O3B NAP E . -1.70 -23.14 23.33
C2B NAP E . -0.73 -25.29 22.62
O2B NAP E . -1.14 -25.75 23.90
C1B NAP E . -1.70 -25.81 21.51
N9A NAP E . -1.14 -26.98 20.87
C8A NAP E . 0.15 -27.27 20.46
N7A NAP E . 0.30 -28.45 19.89
C5A NAP E . -0.98 -28.98 19.94
C6A NAP E . -1.46 -30.24 19.48
N6A NAP E . -0.75 -31.22 18.88
N1A NAP E . -2.83 -30.49 19.67
C2A NAP E . -3.68 -29.55 20.28
N3A NAP E . -3.23 -28.31 20.74
C4A NAP E . -1.87 -28.08 20.55
O3 NAP E . 1.09 -19.63 19.98
PN NAP E . 0.26 -18.70 20.94
O1N NAP E . -0.86 -17.90 20.46
O2N NAP E . 1.02 -18.37 22.18
O5D NAP E . 1.05 -17.52 20.17
C5D NAP E . 2.51 -17.55 19.93
C4D NAP E . 3.16 -16.26 20.43
O4D NAP E . 2.44 -15.04 20.03
C3D NAP E . 3.36 -16.11 21.97
O3D NAP E . 4.67 -15.62 22.28
C2D NAP E . 2.29 -15.14 22.37
O2D NAP E . 2.57 -14.51 23.59
C1D NAP E . 2.32 -14.21 21.23
N1N NAP E . 1.15 -13.30 21.00
C2N NAP E . 1.31 -12.03 20.39
C3N NAP E . 0.20 -11.22 20.23
C7N NAP E . 0.39 -9.84 19.59
O7N NAP E . -0.60 -9.16 19.47
N7N NAP E . 1.56 -9.44 19.19
C4N NAP E . -1.14 -11.65 20.67
C5N NAP E . -1.26 -12.94 21.27
C6N NAP E . -0.12 -13.79 21.44
P2B NAP E . -0.35 -26.88 24.77
O1X NAP E . 0.90 -26.69 25.63
O2X NAP E . -1.29 -28.02 25.04
O3X NAP E . -0.93 -26.04 25.88
PA NAP F . -4.17 -10.62 -26.07
O1A NAP F . -5.32 -10.42 -25.28
O2A NAP F . -3.42 -9.56 -26.82
O5B NAP F . -4.49 -11.73 -27.20
C5B NAP F . -5.72 -11.61 -27.92
C4B NAP F . -6.08 -13.07 -28.35
O4B NAP F . -7.36 -12.89 -29.06
C3B NAP F . -5.15 -13.70 -29.42
O3B NAP F . -4.96 -15.05 -29.01
C2B NAP F . -5.87 -13.62 -30.75
O2B NAP F . -5.80 -14.83 -31.51
C1B NAP F . -7.35 -13.30 -30.40
N9A NAP F . -7.86 -12.24 -31.27
C8A NAP F . -7.28 -11.06 -31.70
N7A NAP F . -8.05 -10.34 -32.49
C5A NAP F . -9.22 -11.11 -32.58
C6A NAP F . -10.40 -10.87 -33.30
N6A NAP F . -10.68 -9.80 -34.06
N1A NAP F . -11.41 -11.84 -33.20
C2A NAP F . -11.24 -13.00 -32.42
N3A NAP F . -10.07 -13.26 -31.71
C4A NAP F . -9.09 -12.29 -31.82
O3 NAP F . -3.07 -11.32 -25.18
PN NAP F . -2.68 -12.83 -24.96
O1N NAP F . -2.98 -13.55 -23.73
O2N NAP F . -1.60 -13.25 -25.91
O5D NAP F . -1.53 -12.24 -23.98
C5D NAP F . -0.70 -11.06 -24.30
C4D NAP F . 0.78 -11.41 -24.35
O4D NAP F . 1.46 -11.19 -23.08
C3D NAP F . 1.18 -12.86 -24.80
O3D NAP F . 1.49 -12.91 -26.20
C2D NAP F . 2.36 -13.26 -23.90
O2D NAP F . 3.62 -13.26 -24.54
C1D NAP F . 2.34 -12.31 -22.75
N1N NAP F . 1.93 -12.87 -21.42
C2N NAP F . 2.61 -12.53 -20.23
C3N NAP F . 2.20 -13.11 -19.02
C7N NAP F . 2.96 -12.75 -17.74
O7N NAP F . 2.57 -13.27 -16.72
N7N NAP F . 3.96 -11.91 -17.74
C4N NAP F . 1.09 -14.06 -18.97
C5N NAP F . 0.42 -14.37 -20.18
C6N NAP F . 0.82 -13.80 -21.42
P2B NAP F . -5.65 -14.88 -33.12
O1X NAP F . -4.47 -14.46 -33.97
O2X NAP F . -6.65 -15.89 -33.64
O3X NAP F . -4.66 -15.94 -32.71
#